data_8FDL
#
_entry.id   8FDL
#
_cell.length_a   53.551
_cell.length_b   82.683
_cell.length_c   62.586
_cell.angle_alpha   90.000
_cell.angle_beta   100.020
_cell.angle_gamma   90.000
#
_symmetry.space_group_name_H-M   'P 1 21 1'
#
loop_
_entity.id
_entity.type
_entity.pdbx_description
1 polymer 'Hemoglobin subunit alpha'
2 polymer 'Hemoglobin subunit beta'
3 non-polymer 'PROTOPORPHYRIN IX CONTAINING FE'
4 non-polymer 'SULFATE ION'
5 non-polymer GLYCEROL
6 non-polymer nitrosochloramphenicol
7 water water
#
loop_
_entity_poly.entity_id
_entity_poly.type
_entity_poly.pdbx_seq_one_letter_code
_entity_poly.pdbx_strand_id
1 'polypeptide(L)'
;VLSPADKTNVKAAWGKVGAHAGEYGAEALERMFLSFPTTKTYFPHFDLSHGSAQVKGHGKKVADALTNAVAHVDDMPNAL
SALSDLHAHKLRVDPVNFKLLSHCLLVTLAAHLPAEFTPAVHASLDKFLASVSTVLTSKYR
;
A,C
2 'polypeptide(L)'
;VHLTPEEKSAVTALWGKVNVDEVGGEALGRLLVVYPWTQRFFESFGDLSTPDAVMGNPKVKAHGKKVLGAFSDGLAHLDN
LKGTFATLSELH(CSD)DKLHVDPENFRLLGNVLVCVLAHHFGKEFTPPVQAAYQKVVAGVANALAHKYH
;
B,D
#
loop_
_chem_comp.id
_chem_comp.type
_chem_comp.name
_chem_comp.formula
GOL non-polymer GLYCEROL 'C3 H8 O3'
HEM non-polymer 'PROTOPORPHYRIN IX CONTAINING FE' 'C34 H32 Fe N4 O4'
SO4 non-polymer 'SULFATE ION' 'O4 S -2'
XQU non-polymer nitrosochloramphenicol 'C11 H14 Cl2 N2 O4'
#
# COMPACT_ATOMS: atom_id res chain seq x y z
N VAL A 1 -7.82 -6.41 15.93
CA VAL A 1 -7.48 -6.38 17.37
C VAL A 1 -6.49 -7.47 17.69
N LEU A 2 -5.64 -7.23 18.69
CA LEU A 2 -4.72 -8.25 19.17
C LEU A 2 -5.44 -9.13 20.18
N SER A 3 -5.58 -10.40 19.86
CA SER A 3 -6.29 -11.34 20.71
C SER A 3 -5.42 -11.71 21.91
N PRO A 4 -6.02 -12.33 22.92
CA PRO A 4 -5.21 -12.86 24.02
C PRO A 4 -4.08 -13.76 23.55
N ALA A 5 -4.35 -14.61 22.56
CA ALA A 5 -3.31 -15.47 22.01
C ALA A 5 -2.22 -14.62 21.34
N ASP A 6 -2.62 -13.58 20.58
CA ASP A 6 -1.62 -12.73 19.93
C ASP A 6 -0.68 -12.12 20.97
N LYS A 7 -1.26 -11.54 22.04
CA LYS A 7 -0.42 -10.90 23.05
C LYS A 7 0.48 -11.92 23.73
N THR A 8 -0.03 -13.12 23.98
CA THR A 8 0.79 -14.17 24.55
C THR A 8 1.96 -14.48 23.63
N ASN A 9 1.67 -14.69 22.33
CA ASN A 9 2.72 -15.00 21.34
C ASN A 9 3.74 -13.87 21.25
N VAL A 10 3.29 -12.64 21.24
CA VAL A 10 4.21 -11.51 21.13
C VAL A 10 5.12 -11.44 22.35
N LYS A 11 4.53 -11.56 23.55
CA LYS A 11 5.37 -11.51 24.75
C LYS A 11 6.35 -12.66 24.77
N ALA A 12 5.91 -13.85 24.32
CA ALA A 12 6.81 -14.99 24.27
C ALA A 12 7.96 -14.74 23.33
N ALA A 13 7.66 -14.28 22.10
CA ALA A 13 8.70 -14.11 21.09
C ALA A 13 9.67 -13.01 21.49
N TRP A 14 9.12 -11.85 21.91
CA TRP A 14 9.97 -10.73 22.29
C TRP A 14 10.75 -11.05 23.55
N GLY A 15 10.20 -11.90 24.40
CA GLY A 15 10.96 -12.38 25.53
C GLY A 15 12.16 -13.21 25.12
N LYS A 16 11.99 -14.09 24.12
CA LYS A 16 13.13 -14.85 23.64
C LYS A 16 14.16 -13.95 22.99
N VAL A 17 13.70 -12.87 22.35
CA VAL A 17 14.62 -11.87 21.81
C VAL A 17 15.47 -11.31 22.93
N GLY A 18 14.83 -10.99 24.04
CA GLY A 18 15.51 -10.53 25.23
C GLY A 18 16.49 -9.42 24.93
N ALA A 19 17.72 -9.61 25.39
CA ALA A 19 18.74 -8.57 25.33
C ALA A 19 19.33 -8.37 23.95
N HIS A 20 18.95 -9.19 22.97
CA HIS A 20 19.35 -8.95 21.59
C HIS A 20 18.47 -7.95 20.88
N ALA A 21 17.43 -7.43 21.56
CA ALA A 21 16.48 -6.57 20.87
C ALA A 21 17.16 -5.46 20.08
N GLY A 22 18.13 -4.78 20.71
CA GLY A 22 18.81 -3.67 20.05
C GLY A 22 19.57 -4.08 18.80
N GLU A 23 20.32 -5.19 18.89
CA GLU A 23 21.03 -5.73 17.72
C GLU A 23 20.04 -6.03 16.59
N TYR A 24 18.91 -6.64 16.93
CA TYR A 24 17.91 -7.02 15.94
C TYR A 24 17.26 -5.80 15.32
N GLY A 25 17.08 -4.73 16.09
CA GLY A 25 16.57 -3.50 15.51
C GLY A 25 17.50 -2.90 14.48
N ALA A 26 18.79 -2.84 14.79
CA ALA A 26 19.79 -2.40 13.82
C ALA A 26 19.77 -3.28 12.57
N GLU A 27 19.72 -4.60 12.75
CA GLU A 27 19.66 -5.51 11.60
C GLU A 27 18.41 -5.25 10.78
N ALA A 28 17.26 -5.02 11.44
CA ALA A 28 16.04 -4.75 10.68
C ALA A 28 16.18 -3.48 9.86
N LEU A 29 16.77 -2.43 10.45
CA LEU A 29 17.00 -1.21 9.69
C LEU A 29 17.92 -1.45 8.49
N GLU A 30 19.03 -2.16 8.71
CA GLU A 30 19.93 -2.49 7.60
C GLU A 30 19.19 -3.23 6.51
N ARG A 31 18.38 -4.21 6.88
CA ARG A 31 17.62 -4.96 5.89
C ARG A 31 16.69 -4.02 5.12
N MET A 32 16.04 -3.10 5.83
CA MET A 32 15.16 -2.12 5.19
C MET A 32 15.90 -1.24 4.21
N PHE A 33 17.05 -0.68 4.62
CA PHE A 33 17.76 0.24 3.72
C PHE A 33 18.19 -0.47 2.43
N LEU A 34 18.58 -1.74 2.53
CA LEU A 34 19.04 -2.44 1.34
C LEU A 34 17.88 -2.95 0.49
N SER A 35 16.83 -3.47 1.13
CA SER A 35 15.72 -4.03 0.40
C SER A 35 14.80 -2.95 -0.14
N PHE A 36 14.65 -1.85 0.57
CA PHE A 36 13.70 -0.79 0.22
C PHE A 36 14.43 0.53 0.25
N PRO A 37 15.22 0.82 -0.78
CA PRO A 37 16.13 1.97 -0.72
C PRO A 37 15.44 3.31 -0.56
N THR A 38 14.17 3.45 -0.93
CA THR A 38 13.50 4.73 -0.77
C THR A 38 13.45 5.14 0.71
N THR A 39 13.54 4.17 1.62
CA THR A 39 13.49 4.49 3.04
C THR A 39 14.72 5.27 3.51
N LYS A 40 15.82 5.22 2.75
CA LYS A 40 17.02 5.98 3.09
C LYS A 40 16.79 7.47 2.98
N THR A 41 15.72 7.89 2.26
CA THR A 41 15.46 9.32 2.15
C THR A 41 15.16 9.95 3.49
N TYR A 42 14.83 9.17 4.52
CA TYR A 42 14.51 9.74 5.82
C TYR A 42 15.75 9.87 6.69
N PHE A 43 16.92 9.39 6.21
CA PHE A 43 18.16 9.42 7.02
C PHE A 43 19.32 10.02 6.23
N PRO A 44 19.14 11.18 5.59
CA PRO A 44 20.19 11.72 4.71
C PRO A 44 21.45 12.13 5.43
N HIS A 45 21.36 12.28 6.74
CA HIS A 45 22.42 12.72 7.63
C HIS A 45 23.19 11.55 8.24
N PHE A 46 22.73 10.34 7.99
CA PHE A 46 23.31 9.14 8.58
C PHE A 46 24.35 8.51 7.66
N ASP A 47 25.36 7.91 8.27
CA ASP A 47 26.12 6.86 7.60
C ASP A 47 25.30 5.57 7.70
N LEU A 48 24.89 5.02 6.55
CA LEU A 48 24.02 3.85 6.52
C LEU A 48 24.78 2.61 6.09
N SER A 49 26.11 2.65 6.08
CA SER A 49 26.87 1.47 5.73
C SER A 49 26.72 0.39 6.79
N HIS A 50 27.03 -0.84 6.39
CA HIS A 50 26.96 -1.97 7.30
C HIS A 50 27.83 -1.71 8.53
N GLY A 51 27.28 -1.97 9.71
CA GLY A 51 28.03 -1.75 10.94
C GLY A 51 28.01 -0.32 11.47
N SER A 52 27.38 0.60 10.74
CA SER A 52 27.27 1.98 11.19
C SER A 52 26.79 2.08 12.62
N ALA A 53 27.51 2.86 13.44
CA ALA A 53 27.08 3.09 14.81
C ALA A 53 25.84 3.96 14.88
N GLN A 54 25.60 4.80 13.87
CA GLN A 54 24.36 5.56 13.86
C GLN A 54 23.17 4.63 13.65
N VAL A 55 23.32 3.65 12.77
CA VAL A 55 22.26 2.65 12.56
C VAL A 55 22.12 1.77 13.80
N LYS A 56 23.23 1.43 14.45
CA LYS A 56 23.14 0.68 15.69
C LYS A 56 22.40 1.47 16.76
N GLY A 57 22.72 2.76 16.92
CA GLY A 57 22.05 3.53 17.96
C GLY A 57 20.57 3.72 17.71
N HIS A 58 20.21 3.96 16.45
CA HIS A 58 18.80 4.08 16.11
C HIS A 58 18.09 2.73 16.27
N GLY A 59 18.78 1.65 15.91
CA GLY A 59 18.19 0.33 16.11
C GLY A 59 17.86 0.06 17.55
N LYS A 60 18.72 0.52 18.48
CA LYS A 60 18.45 0.35 19.89
C LYS A 60 17.21 1.11 20.30
N LYS A 61 17.06 2.35 19.82
CA LYS A 61 15.88 3.14 20.15
C LYS A 61 14.61 2.48 19.64
N VAL A 62 14.62 2.06 18.37
CA VAL A 62 13.46 1.37 17.79
C VAL A 62 13.10 0.16 18.63
N ALA A 63 14.11 -0.65 19.00
CA ALA A 63 13.83 -1.87 19.74
C ALA A 63 13.32 -1.58 21.12
N ASP A 64 13.91 -0.60 21.82
CA ASP A 64 13.43 -0.25 23.16
C ASP A 64 11.98 0.21 23.12
N ALA A 65 11.62 0.97 22.08
CA ALA A 65 10.23 1.38 21.92
C ALA A 65 9.32 0.18 21.72
N LEU A 66 9.78 -0.83 20.99
CA LEU A 66 8.97 -2.03 20.84
C LEU A 66 8.89 -2.81 22.15
N THR A 67 9.98 -2.86 22.88
CA THR A 67 9.95 -3.51 24.19
C THR A 67 8.92 -2.83 25.08
N ASN A 68 8.89 -1.50 25.03
CA ASN A 68 7.93 -0.74 25.82
C ASN A 68 6.49 -0.98 25.35
N ALA A 69 6.30 -1.09 24.03
CA ALA A 69 4.99 -1.43 23.51
C ALA A 69 4.53 -2.79 23.99
N VAL A 70 5.44 -3.78 23.97
CA VAL A 70 5.07 -5.11 24.44
C VAL A 70 4.68 -5.06 25.91
N ALA A 71 5.41 -4.28 26.70
CA ALA A 71 5.12 -4.15 28.13
C ALA A 71 3.80 -3.43 28.37
N HIS A 72 3.23 -2.81 27.34
CA HIS A 72 2.02 -2.00 27.46
C HIS A 72 1.03 -2.40 26.38
N VAL A 73 1.04 -3.68 26.01
CA VAL A 73 0.30 -4.11 24.84
C VAL A 73 -1.20 -3.88 24.97
N ASP A 74 -1.70 -3.76 26.21
CA ASP A 74 -3.11 -3.40 26.46
C ASP A 74 -3.38 -1.89 26.41
N ASP A 75 -2.36 -1.04 26.48
CA ASP A 75 -2.57 0.40 26.45
C ASP A 75 -1.40 1.01 25.67
N MET A 76 -1.31 0.58 24.41
CA MET A 76 -0.21 0.93 23.56
C MET A 76 -0.34 2.36 23.07
N PRO A 77 -1.54 2.88 22.74
CA PRO A 77 -1.58 4.28 22.31
C PRO A 77 -0.90 5.23 23.28
N ASN A 78 -1.16 5.11 24.59
CA ASN A 78 -0.55 6.06 25.51
C ASN A 78 0.97 5.83 25.63
N ALA A 79 1.39 4.57 25.69
CA ALA A 79 2.82 4.26 25.79
C ALA A 79 3.57 4.91 24.64
N LEU A 80 2.96 4.89 23.45
CA LEU A 80 3.60 5.36 22.24
C LEU A 80 3.24 6.79 21.88
N SER A 81 2.56 7.52 22.76
CA SER A 81 2.02 8.81 22.35
C SER A 81 3.12 9.78 21.93
N ALA A 82 4.23 9.82 22.68
CA ALA A 82 5.30 10.75 22.34
C ALA A 82 5.87 10.43 20.97
N LEU A 83 6.01 9.12 20.66
CA LEU A 83 6.53 8.73 19.34
C LEU A 83 5.50 9.00 18.22
N SER A 84 4.21 8.84 18.51
CA SER A 84 3.18 9.25 17.55
C SER A 84 3.27 10.75 17.26
N ASP A 85 3.51 11.57 18.29
CA ASP A 85 3.66 13.00 18.04
C ASP A 85 4.89 13.24 17.17
N LEU A 86 5.99 12.60 17.52
CA LEU A 86 7.24 12.85 16.84
C LEU A 86 7.13 12.49 15.36
N HIS A 87 6.58 11.33 15.06
CA HIS A 87 6.50 10.94 13.66
C HIS A 87 5.46 11.77 12.91
N ALA A 88 4.34 12.11 13.55
CA ALA A 88 3.27 12.84 12.85
C ALA A 88 3.69 14.27 12.52
N HIS A 89 4.43 14.93 13.42
CA HIS A 89 4.61 16.37 13.35
C HIS A 89 6.03 16.86 13.15
N LYS A 90 7.04 16.02 13.35
CA LYS A 90 8.41 16.39 13.00
C LYS A 90 8.97 15.50 11.90
N LEU A 91 9.09 14.20 12.15
CA LEU A 91 9.73 13.32 11.19
C LEU A 91 8.91 13.22 9.91
N ARG A 92 7.60 13.05 10.06
CA ARG A 92 6.65 13.02 8.95
C ARG A 92 7.03 11.96 7.92
N VAL A 93 7.40 10.78 8.43
CA VAL A 93 7.62 9.61 7.59
C VAL A 93 6.33 9.17 6.92
N ASP A 94 6.34 9.05 5.60
CA ASP A 94 5.11 8.65 4.93
C ASP A 94 4.63 7.32 5.50
N PRO A 95 3.32 7.18 5.77
CA PRO A 95 2.86 5.93 6.38
C PRO A 95 3.22 4.64 5.66
N VAL A 96 3.46 4.69 4.34
N VAL A 96 3.46 4.66 4.34
CA VAL A 96 3.81 3.49 3.58
CA VAL A 96 3.76 3.40 3.66
C VAL A 96 5.01 2.78 4.20
C VAL A 96 5.06 2.76 4.15
N ASN A 97 5.97 3.55 4.70
CA ASN A 97 7.25 2.98 5.13
C ASN A 97 7.15 2.09 6.37
N PHE A 98 6.11 2.28 7.19
CA PHE A 98 6.00 1.46 8.40
C PHE A 98 5.77 -0.01 8.06
N LYS A 99 5.08 -0.29 6.96
CA LYS A 99 4.93 -1.68 6.52
C LYS A 99 6.26 -2.26 6.11
N LEU A 100 7.14 -1.43 5.52
CA LEU A 100 8.45 -1.91 5.09
C LEU A 100 9.32 -2.23 6.29
N LEU A 101 9.37 -1.36 7.29
CA LEU A 101 10.14 -1.66 8.47
C LEU A 101 9.54 -2.86 9.22
N SER A 102 8.20 -2.96 9.24
CA SER A 102 7.58 -4.07 9.96
C SER A 102 7.96 -5.39 9.31
N HIS A 103 7.92 -5.45 7.99
CA HIS A 103 8.34 -6.66 7.28
C HIS A 103 9.78 -7.00 7.62
N CYS A 104 10.67 -6.01 7.66
CA CYS A 104 12.06 -6.30 7.94
C CYS A 104 12.28 -6.67 9.40
N LEU A 105 11.45 -6.15 10.32
CA LEU A 105 11.52 -6.62 11.69
C LEU A 105 11.11 -8.08 11.78
N LEU A 106 10.03 -8.45 11.07
N LEU A 106 10.05 -8.45 11.05
CA LEU A 106 9.62 -9.85 11.01
CA LEU A 106 9.59 -9.83 11.00
C LEU A 106 10.73 -10.74 10.46
C LEU A 106 10.64 -10.77 10.40
N VAL A 107 11.31 -10.33 9.33
CA VAL A 107 12.38 -11.13 8.73
C VAL A 107 13.54 -11.31 9.70
N THR A 108 13.90 -10.25 10.39
CA THR A 108 14.99 -10.33 11.37
C THR A 108 14.64 -11.31 12.48
N LEU A 109 13.44 -11.22 13.03
CA LEU A 109 13.01 -12.16 14.05
C LEU A 109 13.05 -13.59 13.52
N ALA A 110 12.53 -13.80 12.29
CA ALA A 110 12.52 -15.13 11.70
C ALA A 110 13.91 -15.71 11.59
N ALA A 111 14.90 -14.88 11.23
CA ALA A 111 16.29 -15.29 11.05
C ALA A 111 16.98 -15.59 12.36
N HIS A 112 16.36 -15.27 13.48
CA HIS A 112 16.97 -15.46 14.79
C HIS A 112 16.18 -16.38 15.71
N LEU A 113 15.03 -16.88 15.29
CA LEU A 113 14.09 -17.58 16.16
C LEU A 113 13.68 -18.89 15.51
N PRO A 114 14.61 -19.84 15.38
CA PRO A 114 14.30 -21.08 14.67
C PRO A 114 13.11 -21.81 15.27
N ALA A 115 13.04 -21.92 16.60
CA ALA A 115 11.95 -22.66 17.21
C ALA A 115 10.70 -21.79 17.38
N GLU A 116 10.89 -20.55 17.77
CA GLU A 116 9.79 -19.70 18.20
C GLU A 116 8.97 -19.17 17.02
N PHE A 117 9.56 -18.98 15.85
CA PHE A 117 8.88 -18.33 14.72
C PHE A 117 7.97 -19.33 13.98
N THR A 118 7.01 -19.86 14.73
CA THR A 118 5.99 -20.74 14.16
C THR A 118 5.04 -19.95 13.28
N PRO A 119 4.23 -20.61 12.47
CA PRO A 119 3.22 -19.88 11.71
C PRO A 119 2.31 -19.02 12.57
N ALA A 120 1.89 -19.53 13.73
CA ALA A 120 0.99 -18.76 14.60
C ALA A 120 1.69 -17.53 15.18
N VAL A 121 2.94 -17.70 15.60
CA VAL A 121 3.68 -16.56 16.16
C VAL A 121 3.96 -15.52 15.08
N HIS A 122 4.36 -15.98 13.89
CA HIS A 122 4.48 -15.13 12.70
C HIS A 122 3.23 -14.27 12.51
N ALA A 123 2.04 -14.89 12.50
CA ALA A 123 0.79 -14.16 12.33
C ALA A 123 0.60 -13.12 13.43
N SER A 124 0.88 -13.51 14.69
CA SER A 124 0.69 -12.58 15.79
C SER A 124 1.65 -11.40 15.70
N LEU A 125 2.92 -11.68 15.39
CA LEU A 125 3.92 -10.63 15.30
C LEU A 125 3.59 -9.66 14.18
N ASP A 126 3.09 -10.17 13.05
CA ASP A 126 2.68 -9.31 11.95
C ASP A 126 1.52 -8.41 12.37
N LYS A 127 0.56 -8.94 13.11
CA LYS A 127 -0.53 -8.12 13.60
C LYS A 127 -0.02 -7.09 14.58
N PHE A 128 0.88 -7.50 15.46
CA PHE A 128 1.40 -6.60 16.46
C PHE A 128 2.15 -5.44 15.81
N LEU A 129 3.00 -5.73 14.83
CA LEU A 129 3.76 -4.64 14.23
C LEU A 129 2.86 -3.71 13.41
N ALA A 130 1.82 -4.26 12.81
CA ALA A 130 0.81 -3.44 12.15
C ALA A 130 0.07 -2.54 13.14
N SER A 131 -0.21 -3.08 14.34
N SER A 131 -0.19 -3.07 14.33
CA SER A 131 -0.85 -2.28 15.38
CA SER A 131 -0.85 -2.25 15.35
C SER A 131 0.06 -1.15 15.84
C SER A 131 0.06 -1.14 15.86
N VAL A 132 1.34 -1.44 16.08
CA VAL A 132 2.29 -0.40 16.45
C VAL A 132 2.33 0.68 15.37
N SER A 133 2.41 0.23 14.10
CA SER A 133 2.44 1.17 12.97
C SER A 133 1.20 2.05 12.94
N THR A 134 0.03 1.45 13.14
CA THR A 134 -1.22 2.20 13.18
C THR A 134 -1.20 3.25 14.28
N VAL A 135 -0.73 2.89 15.47
CA VAL A 135 -0.62 3.87 16.56
C VAL A 135 0.35 4.99 16.18
N LEU A 136 1.53 4.63 15.64
CA LEU A 136 2.54 5.62 15.28
C LEU A 136 2.08 6.58 14.18
N THR A 137 1.08 6.21 13.38
CA THR A 137 0.61 7.11 12.32
C THR A 137 -0.75 7.72 12.66
N SER A 138 -1.25 7.46 13.86
CA SER A 138 -2.62 7.83 14.23
C SER A 138 -2.84 9.33 14.35
N LYS A 139 -1.78 10.15 14.52
CA LYS A 139 -1.92 11.59 14.67
C LYS A 139 -1.45 12.36 13.44
N TYR A 140 -1.28 11.68 12.31
CA TYR A 140 -0.71 12.32 11.12
C TYR A 140 -1.64 13.35 10.51
N ARG A 141 -2.95 13.13 10.60
CA ARG A 141 -3.92 14.13 10.15
C ARG A 141 -5.26 13.97 10.84
N LEU B 3 18.13 -7.23 -12.06
CA LEU B 3 19.08 -7.61 -11.03
C LEU B 3 20.51 -7.43 -11.51
N THR B 4 21.39 -7.06 -10.58
CA THR B 4 22.81 -7.00 -10.84
C THR B 4 23.43 -8.39 -10.85
N PRO B 5 24.70 -8.49 -11.28
CA PRO B 5 25.43 -9.77 -11.16
C PRO B 5 25.58 -10.29 -9.74
N GLU B 6 25.92 -9.43 -8.78
CA GLU B 6 26.02 -9.87 -7.40
C GLU B 6 24.67 -10.36 -6.89
N GLU B 7 23.60 -9.70 -7.30
CA GLU B 7 22.26 -10.09 -6.89
C GLU B 7 21.87 -11.44 -7.49
N LYS B 8 22.12 -11.63 -8.79
CA LYS B 8 21.79 -12.91 -9.39
C LYS B 8 22.58 -14.03 -8.75
N SER B 9 23.85 -13.77 -8.44
CA SER B 9 24.69 -14.78 -7.84
C SER B 9 24.18 -15.18 -6.47
N ALA B 10 23.77 -14.19 -5.66
CA ALA B 10 23.20 -14.46 -4.36
C ALA B 10 21.92 -15.28 -4.48
N VAL B 11 21.07 -14.94 -5.46
CA VAL B 11 19.82 -15.68 -5.64
C VAL B 11 20.10 -17.14 -5.96
N THR B 12 20.96 -17.35 -6.95
CA THR B 12 21.27 -18.70 -7.43
CA THR B 12 21.22 -18.71 -7.41
C THR B 12 21.93 -19.53 -6.33
N ALA B 13 22.84 -18.91 -5.59
CA ALA B 13 23.57 -19.63 -4.55
C ALA B 13 22.62 -20.14 -3.46
N LEU B 14 21.70 -19.29 -3.00
CA LEU B 14 20.77 -19.72 -1.97
C LEU B 14 19.77 -20.75 -2.53
N TRP B 15 19.31 -20.56 -3.77
CA TRP B 15 18.29 -21.48 -4.29
C TRP B 15 18.82 -22.88 -4.48
N GLY B 16 20.15 -23.03 -4.67
CA GLY B 16 20.74 -24.36 -4.72
C GLY B 16 20.52 -25.17 -3.48
N LYS B 17 20.27 -24.52 -2.34
CA LYS B 17 19.98 -25.17 -1.06
C LYS B 17 18.50 -25.34 -0.76
N VAL B 18 17.63 -24.85 -1.62
CA VAL B 18 16.21 -24.80 -1.32
C VAL B 18 15.55 -26.09 -1.76
N ASN B 19 14.85 -26.73 -0.83
CA ASN B 19 13.98 -27.86 -1.14
C ASN B 19 12.67 -27.26 -1.61
N VAL B 20 12.47 -27.25 -2.93
CA VAL B 20 11.37 -26.44 -3.47
C VAL B 20 10.01 -26.99 -3.02
N ASP B 21 9.86 -28.32 -2.98
CA ASP B 21 8.59 -28.88 -2.53
C ASP B 21 8.27 -28.44 -1.10
N GLU B 22 9.26 -28.54 -0.22
CA GLU B 22 9.04 -28.27 1.20
C GLU B 22 8.83 -26.78 1.45
N VAL B 23 9.74 -25.94 0.94
CA VAL B 23 9.60 -24.50 1.10
C VAL B 23 8.28 -24.00 0.48
N GLY B 24 7.85 -24.61 -0.61
CA GLY B 24 6.61 -24.17 -1.24
C GLY B 24 5.39 -24.49 -0.40
N GLY B 25 5.34 -25.69 0.15
CA GLY B 25 4.24 -26.01 1.06
C GLY B 25 4.24 -25.13 2.30
N GLU B 26 5.43 -24.81 2.81
CA GLU B 26 5.55 -23.96 3.98
C GLU B 26 5.13 -22.53 3.67
N ALA B 27 5.53 -22.00 2.52
CA ALA B 27 5.16 -20.64 2.15
C ALA B 27 3.66 -20.52 1.88
N LEU B 28 3.08 -21.47 1.17
CA LEU B 28 1.63 -21.38 0.93
C LEU B 28 0.85 -21.54 2.23
N GLY B 29 1.26 -22.48 3.09
CA GLY B 29 0.60 -22.66 4.38
C GLY B 29 0.65 -21.40 5.23
N ARG B 30 1.83 -20.79 5.30
CA ARG B 30 1.95 -19.57 6.09
C ARG B 30 1.14 -18.43 5.49
N LEU B 31 1.06 -18.33 4.16
CA LEU B 31 0.20 -17.32 3.54
C LEU B 31 -1.21 -17.44 4.07
N LEU B 32 -1.73 -18.67 4.06
N LEU B 32 -1.74 -18.65 4.08
CA LEU B 32 -3.09 -18.95 4.51
CA LEU B 32 -3.11 -18.89 4.50
C LEU B 32 -3.28 -18.66 5.99
C LEU B 32 -3.31 -18.78 6.01
N VAL B 33 -2.24 -18.86 6.80
CA VAL B 33 -2.34 -18.62 8.24
C VAL B 33 -2.24 -17.13 8.57
N VAL B 34 -1.26 -16.46 7.98
CA VAL B 34 -0.94 -15.08 8.34
C VAL B 34 -1.94 -14.11 7.71
N TYR B 35 -2.38 -14.40 6.49
CA TYR B 35 -3.31 -13.57 5.73
C TYR B 35 -4.51 -14.43 5.37
N PRO B 36 -5.33 -14.77 6.36
CA PRO B 36 -6.29 -15.88 6.16
C PRO B 36 -7.37 -15.58 5.15
N TRP B 37 -7.52 -14.33 4.71
CA TRP B 37 -8.46 -14.06 3.65
C TRP B 37 -8.02 -14.72 2.36
N THR B 38 -6.72 -15.03 2.23
CA THR B 38 -6.23 -15.73 1.05
C THR B 38 -6.82 -17.12 0.92
N GLN B 39 -7.42 -17.65 1.98
CA GLN B 39 -8.08 -18.97 1.91
C GLN B 39 -9.26 -19.00 0.97
N ARG B 40 -9.77 -17.82 0.56
CA ARG B 40 -10.88 -17.72 -0.36
C ARG B 40 -10.66 -18.48 -1.67
N PHE B 41 -9.40 -18.70 -2.06
CA PHE B 41 -9.12 -19.38 -3.31
C PHE B 41 -9.00 -20.89 -3.15
N PHE B 42 -9.16 -21.41 -1.94
CA PHE B 42 -8.85 -22.79 -1.64
C PHE B 42 -10.02 -23.45 -0.91
N GLU B 43 -11.23 -23.09 -1.31
CA GLU B 43 -12.42 -23.62 -0.64
C GLU B 43 -12.51 -25.14 -0.69
N SER B 44 -11.95 -25.77 -1.73
CA SER B 44 -12.06 -27.22 -1.88
C SER B 44 -10.92 -27.98 -1.21
N PHE B 45 -10.05 -27.31 -0.48
CA PHE B 45 -8.81 -27.93 -0.03
C PHE B 45 -8.95 -28.63 1.33
N GLY B 46 -10.14 -28.69 1.90
CA GLY B 46 -10.32 -29.38 3.16
C GLY B 46 -10.07 -28.52 4.37
N ASP B 47 -9.56 -29.15 5.42
CA ASP B 47 -9.52 -28.51 6.73
C ASP B 47 -8.48 -27.39 6.72
N LEU B 48 -8.95 -26.15 6.94
CA LEU B 48 -8.11 -24.97 7.10
C LEU B 48 -8.42 -24.24 8.40
N SER B 49 -8.95 -24.96 9.40
CA SER B 49 -9.63 -24.32 10.52
C SER B 49 -8.66 -23.79 11.57
N THR B 50 -7.50 -24.39 11.70
CA THR B 50 -6.46 -23.95 12.63
C THR B 50 -5.11 -23.91 11.94
N PRO B 51 -4.13 -23.22 12.52
CA PRO B 51 -2.78 -23.23 11.90
C PRO B 51 -2.22 -24.62 11.66
N ASP B 52 -2.28 -25.51 12.65
CA ASP B 52 -1.73 -26.84 12.44
C ASP B 52 -2.46 -27.55 11.30
N ALA B 53 -3.78 -27.35 11.21
CA ALA B 53 -4.53 -27.98 10.12
C ALA B 53 -4.13 -27.40 8.76
N VAL B 54 -3.99 -26.07 8.67
CA VAL B 54 -3.50 -25.47 7.41
C VAL B 54 -2.15 -26.06 7.05
N MET B 55 -1.20 -26.02 7.98
CA MET B 55 0.16 -26.41 7.64
C MET B 55 0.28 -27.90 7.34
N GLY B 56 -0.55 -28.72 7.99
CA GLY B 56 -0.50 -30.15 7.74
C GLY B 56 -1.36 -30.61 6.59
N ASN B 57 -2.09 -29.71 5.95
CA ASN B 57 -3.05 -30.07 4.92
C ASN B 57 -2.35 -30.57 3.65
N PRO B 58 -2.59 -31.82 3.23
CA PRO B 58 -1.86 -32.35 2.07
C PRO B 58 -2.13 -31.59 0.79
N LYS B 59 -3.33 -31.04 0.63
CA LYS B 59 -3.62 -30.31 -0.59
C LYS B 59 -2.93 -28.96 -0.62
N VAL B 60 -2.83 -28.29 0.53
CA VAL B 60 -1.99 -27.10 0.65
C VAL B 60 -0.54 -27.43 0.29
N LYS B 61 0.01 -28.49 0.88
CA LYS B 61 1.38 -28.86 0.57
C LYS B 61 1.56 -29.17 -0.91
N ALA B 62 0.61 -29.89 -1.51
CA ALA B 62 0.76 -30.24 -2.92
C ALA B 62 0.70 -29.01 -3.81
N HIS B 63 -0.21 -28.09 -3.51
CA HIS B 63 -0.28 -26.89 -4.31
C HIS B 63 0.95 -26.00 -4.11
N GLY B 64 1.44 -25.91 -2.87
CA GLY B 64 2.65 -25.15 -2.63
C GLY B 64 3.82 -25.67 -3.46
N LYS B 65 3.91 -26.99 -3.60
CA LYS B 65 4.94 -27.56 -4.46
C LYS B 65 4.78 -27.09 -5.90
N LYS B 66 3.54 -27.11 -6.44
CA LYS B 66 3.31 -26.66 -7.81
C LYS B 66 3.69 -25.19 -7.99
N VAL B 67 3.25 -24.35 -7.05
CA VAL B 67 3.43 -22.90 -7.16
C VAL B 67 4.91 -22.55 -7.11
N LEU B 68 5.61 -23.07 -6.12
N LEU B 68 5.62 -23.09 -6.10
CA LEU B 68 7.02 -22.75 -6.01
CA LEU B 68 7.03 -22.78 -5.97
C LEU B 68 7.85 -23.47 -7.06
C LEU B 68 7.87 -23.49 -7.03
N GLY B 69 7.36 -24.58 -7.61
CA GLY B 69 8.03 -25.17 -8.76
C GLY B 69 8.08 -24.24 -9.95
N ALA B 70 6.96 -23.57 -10.22
CA ALA B 70 6.93 -22.61 -11.32
C ALA B 70 7.77 -21.39 -11.00
N PHE B 71 7.72 -20.93 -9.76
CA PHE B 71 8.63 -19.88 -9.31
C PHE B 71 10.09 -20.26 -9.56
N SER B 72 10.44 -21.48 -9.14
CA SER B 72 11.80 -21.99 -9.33
C SER B 72 12.18 -21.97 -10.80
N ASP B 73 11.28 -22.46 -11.66
CA ASP B 73 11.56 -22.46 -13.09
C ASP B 73 11.88 -21.06 -13.57
N GLY B 74 11.18 -20.05 -13.05
CA GLY B 74 11.39 -18.67 -13.45
C GLY B 74 12.74 -18.08 -13.07
N LEU B 75 13.39 -18.61 -12.04
CA LEU B 75 14.68 -18.10 -11.63
C LEU B 75 15.76 -18.37 -12.67
N ALA B 76 15.49 -19.25 -13.63
CA ALA B 76 16.38 -19.46 -14.77
C ALA B 76 16.23 -18.39 -15.85
N HIS B 77 15.35 -17.42 -15.67
CA HIS B 77 14.94 -16.48 -16.70
C HIS B 77 14.75 -15.10 -16.11
N LEU B 78 15.67 -14.70 -15.22
N LEU B 78 15.68 -14.69 -15.24
CA LEU B 78 15.49 -13.49 -14.43
CA LEU B 78 15.49 -13.49 -14.43
C LEU B 78 15.37 -12.25 -15.33
C LEU B 78 15.49 -12.22 -15.27
N ASP B 79 16.00 -12.27 -16.50
CA ASP B 79 15.96 -11.12 -17.39
C ASP B 79 14.71 -11.03 -18.23
N ASN B 80 13.85 -12.06 -18.19
CA ASN B 80 12.63 -12.10 -19.00
C ASN B 80 11.47 -12.65 -18.17
N LEU B 81 11.27 -12.13 -16.97
CA LEU B 81 10.17 -12.62 -16.13
C LEU B 81 8.81 -12.41 -16.80
N LYS B 82 8.60 -11.28 -17.48
CA LYS B 82 7.29 -11.06 -18.08
C LYS B 82 6.96 -12.15 -19.08
N GLY B 83 7.93 -12.51 -19.94
CA GLY B 83 7.64 -13.52 -20.95
C GLY B 83 7.51 -14.88 -20.31
N THR B 84 8.34 -15.13 -19.28
CA THR B 84 8.35 -16.43 -18.62
C THR B 84 6.99 -16.74 -18.00
N PHE B 85 6.34 -15.74 -17.40
CA PHE B 85 5.09 -15.94 -16.66
C PHE B 85 3.84 -15.44 -17.38
N ALA B 86 3.94 -15.06 -18.66
CA ALA B 86 2.77 -14.53 -19.36
C ALA B 86 1.61 -15.51 -19.35
N THR B 87 1.90 -16.78 -19.65
CA THR B 87 0.83 -17.77 -19.73
C THR B 87 0.15 -17.95 -18.37
N LEU B 88 0.92 -18.02 -17.30
CA LEU B 88 0.32 -18.11 -15.97
C LEU B 88 -0.39 -16.84 -15.57
N SER B 89 0.09 -15.68 -16.02
CA SER B 89 -0.60 -14.43 -15.72
C SER B 89 -2.01 -14.45 -16.28
N GLU B 90 -2.15 -14.85 -17.54
CA GLU B 90 -3.47 -14.89 -18.15
C GLU B 90 -4.35 -15.94 -17.47
N LEU B 91 -3.78 -17.09 -17.13
CA LEU B 91 -4.48 -18.10 -16.35
C LEU B 91 -5.04 -17.51 -15.07
N HIS B 92 -4.20 -16.82 -14.31
CA HIS B 92 -4.59 -16.34 -12.99
C HIS B 92 -5.65 -15.25 -13.09
N CSD B 93 -5.62 -14.46 -14.15
CA CSD B 93 -6.72 -13.54 -14.41
CB CSD B 93 -6.28 -12.45 -15.36
SG CSD B 93 -7.62 -11.29 -15.62
C CSD B 93 -8.02 -14.18 -14.93
O CSD B 93 -9.08 -14.20 -14.32
OD1 CSD B 93 -7.60 -10.45 -14.46
OD2 CSD B 93 -6.68 -10.33 -16.59
H CSD B 93 -4.78 -14.20 -14.65
HA CSD B 93 -7.04 -13.07 -13.42
HB2 CSD B 93 -5.97 -12.90 -16.33
HB3 CSD B 93 -5.38 -11.93 -14.95
HD2 CSD B 93 -7.20 -9.82 -17.23
N ASP B 94 -7.87 -14.79 -16.08
CA ASP B 94 -9.01 -15.29 -16.84
C ASP B 94 -9.75 -16.47 -16.22
N LYS B 95 -9.01 -17.39 -15.63
N LYS B 95 -9.02 -17.44 -15.69
CA LYS B 95 -9.61 -18.62 -15.13
CA LYS B 95 -9.66 -18.60 -15.10
C LYS B 95 -9.66 -18.69 -13.61
C LYS B 95 -9.77 -18.51 -13.58
N LEU B 96 -8.70 -18.08 -12.89
CA LEU B 96 -8.64 -18.21 -11.45
C LEU B 96 -9.11 -16.98 -10.70
N HIS B 97 -9.18 -15.84 -11.38
CA HIS B 97 -9.66 -14.59 -10.78
C HIS B 97 -8.90 -14.20 -9.52
N VAL B 98 -7.58 -14.27 -9.60
CA VAL B 98 -6.72 -14.03 -8.43
C VAL B 98 -6.18 -12.61 -8.47
N ASP B 99 -6.57 -11.79 -7.47
CA ASP B 99 -6.05 -10.46 -7.27
C ASP B 99 -4.53 -10.53 -7.19
N PRO B 100 -3.80 -9.83 -8.07
CA PRO B 100 -2.33 -9.92 -8.02
C PRO B 100 -1.72 -9.49 -6.70
N GLU B 101 -2.43 -8.75 -5.85
CA GLU B 101 -1.92 -8.49 -4.51
C GLU B 101 -1.54 -9.77 -3.78
N ASN B 102 -2.24 -10.86 -4.05
CA ASN B 102 -1.88 -12.16 -3.47
C ASN B 102 -0.46 -12.57 -3.81
N PHE B 103 0.01 -12.24 -5.01
CA PHE B 103 1.39 -12.58 -5.38
C PHE B 103 2.40 -11.83 -4.53
N ARG B 104 2.08 -10.58 -4.16
CA ARG B 104 2.97 -9.79 -3.33
C ARG B 104 3.00 -10.31 -1.89
N LEU B 105 1.84 -10.66 -1.35
CA LEU B 105 1.76 -11.30 -0.06
C LEU B 105 2.56 -12.60 -0.05
N LEU B 106 2.40 -13.44 -1.07
CA LEU B 106 3.15 -14.69 -1.07
C LEU B 106 4.64 -14.42 -1.15
N GLY B 107 5.04 -13.40 -1.91
CA GLY B 107 6.45 -13.04 -1.95
C GLY B 107 7.01 -12.68 -0.59
N ASN B 108 6.28 -11.89 0.19
N ASN B 108 6.29 -11.80 0.12
CA ASN B 108 6.85 -11.53 1.47
CA ASN B 108 6.60 -11.44 1.50
C ASN B 108 6.80 -12.69 2.47
C ASN B 108 6.81 -12.70 2.34
N VAL B 109 5.82 -13.58 2.33
CA VAL B 109 5.84 -14.78 3.18
C VAL B 109 7.03 -15.66 2.81
N LEU B 110 7.28 -15.85 1.51
CA LEU B 110 8.42 -16.67 1.08
C LEU B 110 9.73 -16.09 1.64
N VAL B 111 9.87 -14.76 1.63
CA VAL B 111 11.08 -14.15 2.21
C VAL B 111 11.18 -14.48 3.69
N CYS B 112 10.06 -14.43 4.43
CA CYS B 112 10.09 -14.79 5.84
C CYS B 112 10.45 -16.25 6.03
N VAL B 113 9.97 -17.13 5.13
CA VAL B 113 10.27 -18.56 5.25
C VAL B 113 11.77 -18.81 5.01
N LEU B 114 12.30 -18.18 3.96
CA LEU B 114 13.74 -18.27 3.70
C LEU B 114 14.54 -17.76 4.90
N ALA B 115 14.13 -16.63 5.48
CA ALA B 115 14.83 -16.13 6.65
C ALA B 115 14.77 -17.14 7.79
N HIS B 116 13.58 -17.68 8.06
CA HIS B 116 13.40 -18.63 9.14
C HIS B 116 14.21 -19.90 8.92
N HIS B 117 14.16 -20.45 7.70
CA HIS B 117 14.87 -21.69 7.42
C HIS B 117 16.39 -21.53 7.42
N PHE B 118 16.91 -20.48 6.77
CA PHE B 118 18.34 -20.31 6.56
C PHE B 118 19.04 -19.49 7.65
N GLY B 119 18.28 -18.75 8.45
CA GLY B 119 18.86 -18.06 9.59
C GLY B 119 19.87 -17.03 9.12
N LYS B 120 21.03 -17.04 9.77
CA LYS B 120 22.05 -16.03 9.45
C LYS B 120 22.50 -16.07 8.00
N GLU B 121 22.35 -17.20 7.32
CA GLU B 121 22.75 -17.28 5.93
C GLU B 121 21.88 -16.38 5.05
N PHE B 122 20.69 -16.03 5.50
CA PHE B 122 19.81 -15.13 4.75
C PHE B 122 20.16 -13.70 5.14
N THR B 123 21.32 -13.26 4.65
CA THR B 123 21.90 -11.99 5.05
C THR B 123 21.09 -10.85 4.46
N PRO B 124 21.34 -9.62 4.90
CA PRO B 124 20.56 -8.50 4.38
C PRO B 124 20.76 -8.31 2.89
N PRO B 125 21.98 -8.45 2.35
CA PRO B 125 22.12 -8.40 0.87
C PRO B 125 21.41 -9.55 0.15
N VAL B 126 21.40 -10.76 0.71
CA VAL B 126 20.65 -11.86 0.10
C VAL B 126 19.16 -11.54 0.11
N GLN B 127 18.65 -11.02 1.22
CA GLN B 127 17.25 -10.65 1.27
C GLN B 127 16.95 -9.61 0.20
N ALA B 128 17.79 -8.59 0.10
CA ALA B 128 17.49 -7.52 -0.86
C ALA B 128 17.39 -8.06 -2.28
N ALA B 129 18.22 -9.04 -2.61
CA ALA B 129 18.14 -9.67 -3.92
C ALA B 129 16.83 -10.43 -4.09
N TYR B 130 16.45 -11.21 -3.09
CA TYR B 130 15.18 -11.93 -3.13
C TYR B 130 13.98 -11.00 -3.15
N GLN B 131 14.04 -9.85 -2.48
CA GLN B 131 12.93 -8.91 -2.60
C GLN B 131 12.77 -8.44 -4.03
N LYS B 132 13.88 -8.20 -4.74
CA LYS B 132 13.74 -7.80 -6.13
C LYS B 132 13.11 -8.92 -6.95
N VAL B 133 13.50 -10.16 -6.67
CA VAL B 133 12.96 -11.31 -7.41
C VAL B 133 11.45 -11.45 -7.17
N VAL B 134 11.02 -11.44 -5.90
CA VAL B 134 9.59 -11.70 -5.64
C VAL B 134 8.74 -10.53 -6.15
N ALA B 135 9.29 -9.31 -6.13
CA ALA B 135 8.60 -8.18 -6.75
C ALA B 135 8.49 -8.36 -8.26
N GLY B 136 9.58 -8.81 -8.87
CA GLY B 136 9.58 -9.02 -10.31
C GLY B 136 8.63 -10.12 -10.73
N VAL B 137 8.60 -11.22 -9.96
CA VAL B 137 7.68 -12.31 -10.28
C VAL B 137 6.23 -11.87 -10.10
N ALA B 138 5.94 -11.14 -9.02
CA ALA B 138 4.59 -10.64 -8.85
C ALA B 138 4.21 -9.71 -9.99
N ASN B 139 5.11 -8.79 -10.34
N ASN B 139 5.12 -8.80 -10.37
CA ASN B 139 4.89 -7.90 -11.46
CA ASN B 139 4.82 -7.88 -11.46
C ASN B 139 4.59 -8.68 -12.73
C ASN B 139 4.65 -8.61 -12.79
N ALA B 140 5.40 -9.70 -13.00
CA ALA B 140 5.21 -10.51 -14.21
C ALA B 140 3.86 -11.24 -14.20
N LEU B 141 3.50 -11.84 -13.07
CA LEU B 141 2.23 -12.54 -12.97
C LEU B 141 1.03 -11.59 -13.04
N ALA B 142 1.22 -10.32 -12.70
CA ALA B 142 0.14 -9.33 -12.81
C ALA B 142 0.04 -8.72 -14.19
N HIS B 143 0.99 -8.99 -15.09
CA HIS B 143 1.20 -8.10 -16.21
C HIS B 143 0.09 -8.20 -17.25
N LYS B 144 -0.49 -9.39 -17.43
CA LYS B 144 -1.53 -9.62 -18.43
C LYS B 144 -2.92 -9.26 -17.93
N TYR B 145 -3.04 -8.73 -16.71
CA TYR B 145 -4.36 -8.39 -16.18
C TYR B 145 -4.88 -7.15 -16.90
N HIS B 146 -6.20 -7.11 -17.14
CA HIS B 146 -6.79 -5.99 -17.90
C HIS B 146 -8.28 -5.82 -17.65
N VAL C 1 -8.11 9.74 13.46
CA VAL C 1 -9.33 10.11 14.18
C VAL C 1 -10.07 11.20 13.42
N LEU C 2 -11.38 11.05 13.30
CA LEU C 2 -12.18 12.08 12.65
C LEU C 2 -12.39 13.25 13.61
N SER C 3 -12.01 14.44 13.18
CA SER C 3 -12.21 15.61 14.01
C SER C 3 -13.67 16.04 13.96
N PRO C 4 -14.09 16.93 14.85
CA PRO C 4 -15.46 17.47 14.74
C PRO C 4 -15.67 18.12 13.40
N ALA C 5 -14.67 18.87 12.93
CA ALA C 5 -14.76 19.50 11.62
C ALA C 5 -14.91 18.45 10.51
N ASP C 6 -14.20 17.33 10.60
CA ASP C 6 -14.36 16.25 9.63
C ASP C 6 -15.82 15.80 9.61
N LYS C 7 -16.43 15.62 10.77
CA LYS C 7 -17.79 15.11 10.81
C LYS C 7 -18.76 16.11 10.20
N THR C 8 -18.58 17.39 10.53
CA THR C 8 -19.39 18.46 9.93
C THR C 8 -19.25 18.47 8.42
N ASN C 9 -18.01 18.38 7.93
CA ASN C 9 -17.75 18.42 6.50
C ASN C 9 -18.36 17.22 5.80
N VAL C 10 -18.18 16.04 6.38
CA VAL C 10 -18.71 14.82 5.75
C VAL C 10 -20.23 14.86 5.75
N LYS C 11 -20.85 15.25 6.87
CA LYS C 11 -22.30 15.32 6.91
C LYS C 11 -22.86 16.30 5.86
N ALA C 12 -22.22 17.46 5.71
CA ALA C 12 -22.72 18.44 4.76
C ALA C 12 -22.56 17.95 3.32
N ALA C 13 -21.39 17.40 3.01
CA ALA C 13 -21.11 16.97 1.65
C ALA C 13 -21.96 15.76 1.28
N TRP C 14 -22.04 14.75 2.17
CA TRP C 14 -22.88 13.60 1.87
C TRP C 14 -24.36 13.96 1.91
N GLY C 15 -24.71 14.96 2.71
CA GLY C 15 -26.07 15.49 2.67
C GLY C 15 -26.43 16.02 1.31
N LYS C 16 -25.48 16.66 0.63
CA LYS C 16 -25.75 17.19 -0.69
C LYS C 16 -25.83 16.08 -1.71
N VAL C 17 -25.09 14.99 -1.50
CA VAL C 17 -25.25 13.83 -2.37
C VAL C 17 -26.73 13.45 -2.38
N GLY C 18 -27.32 13.36 -1.18
CA GLY C 18 -28.73 13.04 -1.03
C GLY C 18 -29.23 11.89 -1.88
N ALA C 19 -30.22 12.17 -2.72
CA ALA C 19 -30.87 11.13 -3.50
C ALA C 19 -30.01 10.56 -4.63
N HIS C 20 -28.88 11.18 -4.96
CA HIS C 20 -27.98 10.62 -5.96
C HIS C 20 -27.03 9.58 -5.39
N ALA C 21 -27.09 9.33 -4.09
CA ALA C 21 -26.08 8.49 -3.45
C ALA C 21 -25.91 7.19 -4.21
N GLY C 22 -27.02 6.58 -4.63
CA GLY C 22 -26.97 5.41 -5.48
C GLY C 22 -26.22 5.53 -6.79
N GLU C 23 -26.62 6.52 -7.60
CA GLU C 23 -25.93 6.81 -8.86
C GLU C 23 -24.43 7.03 -8.65
N TYR C 24 -24.07 7.74 -7.58
CA TYR C 24 -22.66 8.05 -7.38
C TYR C 24 -21.90 6.80 -6.95
N GLY C 25 -22.54 5.89 -6.22
CA GLY C 25 -21.91 4.62 -5.92
C GLY C 25 -21.61 3.82 -7.18
N ALA C 26 -22.59 3.73 -8.07
CA ALA C 26 -22.39 3.06 -9.35
C ALA C 26 -21.24 3.67 -10.14
N GLU C 27 -21.18 5.00 -10.20
CA GLU C 27 -20.11 5.65 -10.97
C GLU C 27 -18.76 5.39 -10.32
N ALA C 28 -18.72 5.39 -8.99
CA ALA C 28 -17.46 5.11 -8.31
C ALA C 28 -16.97 3.71 -8.65
N LEU C 29 -17.90 2.74 -8.70
CA LEU C 29 -17.50 1.38 -9.03
C LEU C 29 -16.97 1.29 -10.45
N GLU C 30 -17.65 1.94 -11.40
CA GLU C 30 -17.18 1.94 -12.77
C GLU C 30 -15.81 2.62 -12.90
N ARG C 31 -15.62 3.73 -12.20
CA ARG C 31 -14.30 4.36 -12.22
C ARG C 31 -13.23 3.40 -11.73
N MET C 32 -13.56 2.59 -10.72
CA MET C 32 -12.55 1.70 -10.16
C MET C 32 -12.28 0.52 -11.09
N PHE C 33 -13.32 -0.08 -11.66
CA PHE C 33 -13.08 -1.15 -12.62
C PHE C 33 -12.23 -0.69 -13.79
N LEU C 34 -12.47 0.52 -14.29
CA LEU C 34 -11.70 1.00 -15.44
C LEU C 34 -10.27 1.40 -15.06
N SER C 35 -10.12 2.14 -13.96
CA SER C 35 -8.79 2.64 -13.57
C SER C 35 -7.95 1.57 -12.92
N PHE C 36 -8.58 0.59 -12.27
CA PHE C 36 -7.90 -0.41 -11.46
C PHE C 36 -8.48 -1.76 -11.79
N PRO C 37 -8.15 -2.30 -12.97
CA PRO C 37 -8.86 -3.51 -13.46
C PRO C 37 -8.70 -4.72 -12.58
N THR C 38 -7.63 -4.80 -11.78
CA THR C 38 -7.49 -5.95 -10.91
C THR C 38 -8.67 -6.07 -9.95
N THR C 39 -9.36 -4.95 -9.67
CA THR C 39 -10.50 -5.04 -8.77
C THR C 39 -11.62 -5.88 -9.38
N LYS C 40 -11.66 -6.03 -10.70
CA LYS C 40 -12.69 -6.84 -11.33
C LYS C 40 -12.58 -8.30 -10.91
N THR C 41 -11.42 -8.72 -10.38
CA THR C 41 -11.28 -10.12 -10.01
C THR C 41 -12.26 -10.51 -8.90
N TYR C 42 -12.80 -9.54 -8.16
CA TYR C 42 -13.79 -9.82 -7.14
C TYR C 42 -15.22 -9.88 -7.69
N PHE C 43 -15.40 -9.70 -9.00
CA PHE C 43 -16.72 -9.66 -9.60
C PHE C 43 -16.77 -10.58 -10.82
N PRO C 44 -16.23 -11.79 -10.71
CA PRO C 44 -16.13 -12.64 -11.90
C PRO C 44 -17.47 -13.10 -12.48
N HIS C 45 -18.53 -13.19 -11.68
CA HIS C 45 -19.83 -13.67 -12.17
C HIS C 45 -20.87 -12.57 -11.99
N PHE C 46 -20.67 -11.48 -12.72
CA PHE C 46 -21.27 -10.18 -12.45
C PHE C 46 -21.26 -9.42 -13.75
N ASP C 47 -22.38 -8.81 -14.11
CA ASP C 47 -22.44 -7.98 -15.30
C ASP C 47 -21.82 -6.63 -14.95
N LEU C 48 -20.60 -6.39 -15.43
CA LEU C 48 -19.84 -5.18 -15.16
C LEU C 48 -20.01 -4.14 -16.25
N SER C 49 -20.86 -4.40 -17.25
CA SER C 49 -21.01 -3.44 -18.33
C SER C 49 -21.56 -2.12 -17.79
N HIS C 50 -21.19 -1.04 -18.46
CA HIS C 50 -21.68 0.27 -18.10
C HIS C 50 -23.20 0.26 -18.05
N GLY C 51 -23.75 0.73 -16.94
CA GLY C 51 -25.17 0.89 -16.78
C GLY C 51 -25.91 -0.35 -16.36
N SER C 52 -25.21 -1.43 -16.02
CA SER C 52 -25.89 -2.66 -15.67
C SER C 52 -26.65 -2.52 -14.37
N ALA C 53 -27.77 -3.26 -14.28
CA ALA C 53 -28.55 -3.31 -13.05
C ALA C 53 -27.69 -3.74 -11.89
N GLN C 54 -26.72 -4.64 -12.13
CA GLN C 54 -25.94 -5.16 -11.03
C GLN C 54 -24.99 -4.11 -10.48
N VAL C 55 -24.34 -3.34 -11.36
CA VAL C 55 -23.46 -2.27 -10.89
C VAL C 55 -24.29 -1.17 -10.25
N LYS C 56 -25.47 -0.88 -10.80
CA LYS C 56 -26.36 0.07 -10.16
C LYS C 56 -26.82 -0.42 -8.80
N GLY C 57 -27.17 -1.70 -8.69
CA GLY C 57 -27.68 -2.20 -7.43
C GLY C 57 -26.59 -2.25 -6.37
N HIS C 58 -25.41 -2.71 -6.76
CA HIS C 58 -24.29 -2.74 -5.83
C HIS C 58 -23.87 -1.32 -5.44
N GLY C 59 -23.85 -0.40 -6.40
CA GLY C 59 -23.50 0.98 -6.07
C GLY C 59 -24.45 1.59 -5.05
N LYS C 60 -25.74 1.28 -5.17
CA LYS C 60 -26.70 1.70 -4.18
C LYS C 60 -26.41 1.08 -2.81
N LYS C 61 -26.07 -0.20 -2.77
CA LYS C 61 -25.75 -0.84 -1.51
C LYS C 61 -24.57 -0.15 -0.85
N VAL C 62 -23.52 0.09 -1.63
CA VAL C 62 -22.33 0.77 -1.10
C VAL C 62 -22.71 2.14 -0.57
N ALA C 63 -23.45 2.89 -1.37
CA ALA C 63 -23.84 4.26 -0.98
C ALA C 63 -24.70 4.26 0.27
N ASP C 64 -25.67 3.34 0.38
CA ASP C 64 -26.50 3.30 1.57
C ASP C 64 -25.67 2.95 2.80
N ALA C 65 -24.66 2.10 2.65
CA ALA C 65 -23.79 1.81 3.77
C ALA C 65 -23.01 3.06 4.21
N LEU C 66 -22.59 3.87 3.24
CA LEU C 66 -21.93 5.12 3.56
C LEU C 66 -22.89 6.10 4.24
N THR C 67 -24.15 6.14 3.80
CA THR C 67 -25.15 6.96 4.47
C THR C 67 -25.32 6.52 5.92
N ASN C 68 -25.42 5.21 6.14
CA ASN C 68 -25.45 4.65 7.48
C ASN C 68 -24.25 5.11 8.31
N ALA C 69 -23.05 4.99 7.74
CA ALA C 69 -21.81 5.39 8.41
C ALA C 69 -21.83 6.86 8.79
N VAL C 70 -22.24 7.72 7.85
CA VAL C 70 -22.27 9.16 8.10
C VAL C 70 -23.23 9.46 9.25
N ALA C 71 -24.39 8.80 9.25
CA ALA C 71 -25.37 9.02 10.29
C ALA C 71 -24.91 8.52 11.64
N HIS C 72 -23.98 7.59 11.67
CA HIS C 72 -23.47 7.00 12.90
C HIS C 72 -21.97 7.20 12.98
N VAL C 73 -21.53 8.40 12.57
CA VAL C 73 -20.10 8.65 12.39
C VAL C 73 -19.35 8.49 13.70
N ASP C 74 -20.01 8.68 14.85
CA ASP C 74 -19.35 8.50 16.15
C ASP C 74 -19.22 7.03 16.57
N ASP C 75 -19.75 6.09 15.80
CA ASP C 75 -19.82 4.70 16.23
C ASP C 75 -19.86 3.80 15.01
N MET C 76 -18.90 3.99 14.11
CA MET C 76 -18.93 3.28 12.84
C MET C 76 -18.69 1.80 13.02
N PRO C 77 -17.81 1.39 13.95
CA PRO C 77 -17.65 -0.07 14.15
C PRO C 77 -18.97 -0.77 14.41
N ASN C 78 -19.84 -0.17 15.23
CA ASN C 78 -21.12 -0.82 15.47
C ASN C 78 -22.04 -0.70 14.28
N ALA C 79 -22.04 0.45 13.62
CA ALA C 79 -22.99 0.63 12.51
C ALA C 79 -22.65 -0.29 11.34
N LEU C 80 -21.36 -0.60 11.15
CA LEU C 80 -20.90 -1.42 10.03
C LEU C 80 -20.60 -2.86 10.43
N SER C 81 -21.06 -3.31 11.61
CA SER C 81 -20.59 -4.60 12.12
C SER C 81 -20.91 -5.76 11.17
N ALA C 82 -22.15 -5.83 10.68
CA ALA C 82 -22.52 -6.91 9.76
C ALA C 82 -21.67 -6.85 8.49
N LEU C 83 -21.39 -5.65 8.00
CA LEU C 83 -20.61 -5.51 6.78
C LEU C 83 -19.14 -5.84 7.00
N SER C 84 -18.60 -5.51 8.16
N SER C 84 -18.61 -5.56 8.18
CA SER C 84 -17.23 -5.92 8.49
CA SER C 84 -17.22 -5.93 8.47
C SER C 84 -17.14 -7.43 8.53
C SER C 84 -17.07 -7.44 8.64
N ASP C 85 -18.08 -8.08 9.23
CA ASP C 85 -18.14 -9.54 9.25
C ASP C 85 -18.14 -10.09 7.82
N LEU C 86 -19.01 -9.53 6.97
CA LEU C 86 -19.19 -10.06 5.62
C LEU C 86 -17.90 -9.97 4.81
N HIS C 87 -17.22 -8.81 4.87
CA HIS C 87 -16.02 -8.68 4.07
C HIS C 87 -14.90 -9.55 4.65
N ALA C 88 -14.79 -9.65 5.97
CA ALA C 88 -13.69 -10.40 6.57
C ALA C 88 -13.85 -11.89 6.38
N HIS C 89 -15.09 -12.41 6.46
CA HIS C 89 -15.30 -13.85 6.58
C HIS C 89 -15.77 -14.51 5.31
N LYS C 90 -16.37 -13.77 4.38
CA LYS C 90 -16.94 -14.35 3.17
C LYS C 90 -16.36 -13.73 1.90
N LEU C 91 -16.61 -12.45 1.64
CA LEU C 91 -16.05 -11.80 0.47
C LEU C 91 -14.53 -11.85 0.46
N ARG C 92 -13.90 -11.50 1.57
CA ARG C 92 -12.45 -11.64 1.76
C ARG C 92 -11.65 -10.88 0.70
N VAL C 93 -12.12 -9.66 0.43
CA VAL C 93 -11.46 -8.75 -0.51
C VAL C 93 -10.16 -8.25 0.10
N ASP C 94 -9.08 -8.32 -0.67
CA ASP C 94 -7.82 -7.92 -0.09
C ASP C 94 -7.89 -6.47 0.35
N PRO C 95 -7.38 -6.15 1.55
CA PRO C 95 -7.50 -4.77 2.05
C PRO C 95 -6.96 -3.70 1.13
N VAL C 96 -6.00 -4.02 0.27
N VAL C 96 -5.99 -4.00 0.26
CA VAL C 96 -5.43 -2.99 -0.60
CA VAL C 96 -5.45 -2.94 -0.56
C VAL C 96 -6.52 -2.36 -1.47
C VAL C 96 -6.52 -2.34 -1.49
N ASN C 97 -7.58 -3.09 -1.78
CA ASN C 97 -8.58 -2.61 -2.72
C ASN C 97 -9.49 -1.54 -2.12
N PHE C 98 -9.57 -1.44 -0.79
CA PHE C 98 -10.42 -0.40 -0.20
C PHE C 98 -9.85 0.98 -0.49
N LYS C 99 -8.52 1.12 -0.55
N LYS C 99 -8.52 1.11 -0.52
CA LYS C 99 -7.96 2.41 -0.93
CA LYS C 99 -7.92 2.39 -0.92
C LYS C 99 -8.32 2.77 -2.36
C LYS C 99 -8.38 2.76 -2.32
N LEU C 100 -8.49 1.78 -3.21
CA LEU C 100 -8.80 2.05 -4.61
C LEU C 100 -10.25 2.52 -4.75
N LEU C 101 -11.20 1.78 -4.15
CA LEU C 101 -12.58 2.24 -4.16
C LEU C 101 -12.71 3.60 -3.50
N SER C 102 -12.01 3.81 -2.37
CA SER C 102 -12.08 5.10 -1.67
C SER C 102 -11.66 6.27 -2.58
N HIS C 103 -10.51 6.13 -3.25
CA HIS C 103 -10.08 7.15 -4.20
C HIS C 103 -11.15 7.39 -5.26
N CYS C 104 -11.76 6.30 -5.76
CA CYS C 104 -12.76 6.49 -6.83
C CYS C 104 -14.05 7.11 -6.29
N LEU C 105 -14.42 6.81 -5.05
CA LEU C 105 -15.54 7.52 -4.44
C LEU C 105 -15.19 9.00 -4.27
N LEU C 106 -13.97 9.29 -3.82
CA LEU C 106 -13.53 10.66 -3.65
C LEU C 106 -13.55 11.43 -4.97
N VAL C 107 -13.05 10.81 -6.05
CA VAL C 107 -13.11 11.43 -7.37
C VAL C 107 -14.54 11.65 -7.82
N THR C 108 -15.43 10.68 -7.59
CA THR C 108 -16.83 10.86 -7.95
C THR C 108 -17.42 12.07 -7.21
N LEU C 109 -17.14 12.20 -5.91
CA LEU C 109 -17.64 13.35 -5.16
C LEU C 109 -17.05 14.66 -5.69
N ALA C 110 -15.76 14.68 -6.00
CA ALA C 110 -15.15 15.90 -6.54
C ALA C 110 -15.83 16.34 -7.83
N ALA C 111 -16.14 15.38 -8.72
CA ALA C 111 -16.80 15.62 -9.99
C ALA C 111 -18.25 16.06 -9.85
N HIS C 112 -18.91 15.75 -8.74
CA HIS C 112 -20.32 16.06 -8.57
C HIS C 112 -20.61 17.13 -7.54
N LEU C 113 -19.62 17.57 -6.76
CA LEU C 113 -19.79 18.59 -5.73
C LEU C 113 -18.90 19.80 -6.01
N PRO C 114 -19.12 20.48 -7.12
CA PRO C 114 -18.29 21.65 -7.42
C PRO C 114 -18.24 22.64 -6.27
N ALA C 115 -19.40 22.90 -5.66
CA ALA C 115 -19.45 23.94 -4.65
C ALA C 115 -18.80 23.50 -3.35
N GLU C 116 -18.91 22.22 -3.02
CA GLU C 116 -18.58 21.73 -1.68
C GLU C 116 -17.15 21.21 -1.53
N PHE C 117 -16.51 20.78 -2.62
CA PHE C 117 -15.22 20.05 -2.56
C PHE C 117 -14.02 20.99 -2.42
N THR C 118 -13.99 21.69 -1.28
CA THR C 118 -12.89 22.56 -0.90
C THR C 118 -11.70 21.70 -0.44
N PRO C 119 -10.52 22.29 -0.27
CA PRO C 119 -9.37 21.51 0.24
C PRO C 119 -9.66 20.86 1.58
N ALA C 120 -10.31 21.60 2.48
CA ALA C 120 -10.61 21.04 3.78
C ALA C 120 -11.62 19.90 3.67
N VAL C 121 -12.65 20.06 2.84
CA VAL C 121 -13.65 19.00 2.72
C VAL C 121 -13.06 17.76 2.05
N HIS C 122 -12.21 17.97 1.04
CA HIS C 122 -11.44 16.89 0.42
C HIS C 122 -10.66 16.09 1.46
N ALA C 123 -9.97 16.78 2.38
CA ALA C 123 -9.23 16.09 3.43
C ALA C 123 -10.17 15.27 4.29
N SER C 124 -11.28 15.88 4.72
CA SER C 124 -12.24 15.24 5.60
C SER C 124 -12.87 14.02 4.92
N LEU C 125 -13.22 14.14 3.65
CA LEU C 125 -13.80 13.01 2.94
C LEU C 125 -12.78 11.88 2.79
N ASP C 126 -11.51 12.21 2.50
CA ASP C 126 -10.46 11.21 2.41
C ASP C 126 -10.30 10.49 3.73
N LYS C 127 -10.27 11.22 4.85
CA LYS C 127 -10.14 10.57 6.15
C LYS C 127 -11.34 9.66 6.44
N PHE C 128 -12.53 10.12 6.09
CA PHE C 128 -13.76 9.38 6.39
C PHE C 128 -13.78 8.06 5.62
N LEU C 129 -13.46 8.11 4.32
CA LEU C 129 -13.43 6.88 3.54
C LEU C 129 -12.33 5.93 4.03
N ALA C 130 -11.20 6.47 4.48
CA ALA C 130 -10.15 5.65 5.06
C ALA C 130 -10.60 5.04 6.37
N SER C 131 -11.38 5.78 7.17
N SER C 131 -11.39 5.77 7.16
CA SER C 131 -11.91 5.25 8.43
CA SER C 131 -11.89 5.23 8.42
C SER C 131 -12.91 4.15 8.17
C SER C 131 -12.92 4.14 8.18
N VAL C 132 -13.83 4.37 7.23
CA VAL C 132 -14.77 3.31 6.83
C VAL C 132 -14.01 2.06 6.40
N SER C 133 -12.99 2.24 5.57
CA SER C 133 -12.19 1.12 5.10
C SER C 133 -11.57 0.36 6.27
N THR C 134 -10.99 1.10 7.22
CA THR C 134 -10.41 0.50 8.41
C THR C 134 -11.42 -0.34 9.14
N VAL C 135 -12.62 0.20 9.38
CA VAL C 135 -13.66 -0.58 10.04
C VAL C 135 -13.99 -1.83 9.24
N LEU C 136 -14.12 -1.70 7.91
CA LEU C 136 -14.51 -2.86 7.09
C LEU C 136 -13.42 -3.93 7.01
N THR C 137 -12.17 -3.61 7.30
CA THR C 137 -11.10 -4.61 7.32
C THR C 137 -10.68 -5.00 8.74
N SER C 138 -11.37 -4.49 9.76
CA SER C 138 -10.92 -4.67 11.15
C SER C 138 -11.00 -6.11 11.65
N LYS C 139 -11.82 -6.96 11.03
CA LYS C 139 -12.00 -8.33 11.49
C LYS C 139 -11.32 -9.36 10.61
N TYR C 140 -10.46 -8.92 9.68
CA TYR C 140 -9.91 -9.83 8.70
C TYR C 140 -9.00 -10.88 9.35
N ARG C 141 -8.34 -10.52 10.42
CA ARG C 141 -7.54 -11.49 11.16
C ARG C 141 -7.34 -11.10 12.62
N LEU D 3 -0.43 3.63 -23.02
CA LEU D 3 -1.70 4.29 -23.33
C LEU D 3 -2.17 3.92 -24.73
N THR D 4 -3.47 3.75 -24.93
CA THR D 4 -3.97 3.56 -26.29
C THR D 4 -3.96 4.89 -27.02
N PRO D 5 -4.11 4.87 -28.34
CA PRO D 5 -4.21 6.15 -29.06
C PRO D 5 -5.38 6.99 -28.62
N GLU D 6 -6.53 6.38 -28.31
CA GLU D 6 -7.66 7.16 -27.83
C GLU D 6 -7.40 7.72 -26.44
N GLU D 7 -6.72 6.94 -25.59
CA GLU D 7 -6.38 7.44 -24.26
C GLU D 7 -5.43 8.62 -24.37
N LYS D 8 -4.43 8.53 -25.25
CA LYS D 8 -3.56 9.69 -25.48
C LYS D 8 -4.37 10.89 -25.92
N SER D 9 -5.29 10.67 -26.86
CA SER D 9 -6.11 11.78 -27.35
C SER D 9 -6.94 12.39 -26.23
N ALA D 10 -7.49 11.56 -25.34
CA ALA D 10 -8.31 12.08 -24.26
C ALA D 10 -7.48 12.93 -23.29
N VAL D 11 -6.26 12.51 -23.02
CA VAL D 11 -5.38 13.26 -22.12
C VAL D 11 -5.04 14.61 -22.72
N THR D 12 -4.67 14.63 -23.99
N THR D 12 -4.67 14.64 -24.00
CA THR D 12 -4.21 15.88 -24.59
CA THR D 12 -4.18 15.88 -24.59
C THR D 12 -5.35 16.86 -24.73
C THR D 12 -5.32 16.86 -24.85
N ALA D 13 -6.53 16.36 -25.11
CA ALA D 13 -7.67 17.26 -25.28
C ALA D 13 -8.09 17.90 -23.96
N LEU D 14 -8.14 17.13 -22.87
CA LEU D 14 -8.45 17.74 -21.60
C LEU D 14 -7.33 18.69 -21.15
N TRP D 15 -6.07 18.29 -21.32
CA TRP D 15 -4.98 19.12 -20.81
C TRP D 15 -4.88 20.45 -21.56
N GLY D 16 -5.30 20.49 -22.82
CA GLY D 16 -5.34 21.76 -23.54
C GLY D 16 -6.25 22.80 -22.94
N LYS D 17 -7.12 22.42 -22.00
CA LYS D 17 -8.02 23.31 -21.30
C LYS D 17 -7.53 23.72 -19.91
N VAL D 18 -6.36 23.21 -19.50
CA VAL D 18 -5.86 23.40 -18.15
C VAL D 18 -5.01 24.66 -18.08
N ASN D 19 -5.25 25.47 -17.04
CA ASN D 19 -4.36 26.56 -16.63
C ASN D 19 -3.33 25.92 -15.71
N VAL D 20 -2.16 25.62 -16.26
CA VAL D 20 -1.16 24.86 -15.52
C VAL D 20 -0.75 25.55 -14.21
N ASP D 21 -0.48 26.85 -14.25
CA ASP D 21 -0.13 27.56 -13.01
C ASP D 21 -1.20 27.37 -11.94
N GLU D 22 -2.47 27.56 -12.33
CA GLU D 22 -3.53 27.49 -11.34
C GLU D 22 -3.70 26.08 -10.79
N VAL D 23 -3.72 25.10 -11.68
CA VAL D 23 -3.93 23.72 -11.26
C VAL D 23 -2.74 23.24 -10.46
N GLY D 24 -1.53 23.66 -10.85
CA GLY D 24 -0.34 23.28 -10.09
C GLY D 24 -0.34 23.85 -8.68
N GLY D 25 -0.66 25.13 -8.54
CA GLY D 25 -0.76 25.73 -7.21
C GLY D 25 -1.81 25.04 -6.37
N GLU D 26 -2.94 24.70 -6.98
N GLU D 26 -2.95 24.74 -6.99
CA GLU D 26 -3.99 24.08 -6.19
CA GLU D 26 -4.06 24.07 -6.33
C GLU D 26 -3.62 22.64 -5.85
C GLU D 26 -3.68 22.65 -5.90
N ALA D 27 -3.01 21.92 -6.79
CA ALA D 27 -2.67 20.54 -6.53
C ALA D 27 -1.63 20.43 -5.41
N LEU D 28 -0.61 21.28 -5.44
CA LEU D 28 0.38 21.22 -4.37
C LEU D 28 -0.24 21.68 -3.05
N GLY D 29 -1.05 22.73 -3.08
CA GLY D 29 -1.73 23.15 -1.86
C GLY D 29 -2.58 22.05 -1.26
N ARG D 30 -3.39 21.38 -2.08
CA ARG D 30 -4.23 20.29 -1.61
C ARG D 30 -3.39 19.11 -1.11
N LEU D 31 -2.24 18.85 -1.73
CA LEU D 31 -1.36 17.82 -1.20
C LEU D 31 -0.97 18.11 0.25
N LEU D 32 -0.54 19.35 0.51
CA LEU D 32 -0.10 19.73 1.84
C LEU D 32 -1.26 19.79 2.83
N VAL D 33 -2.49 20.01 2.36
CA VAL D 33 -3.67 20.02 3.22
C VAL D 33 -4.13 18.60 3.53
N VAL D 34 -4.28 17.77 2.50
CA VAL D 34 -4.90 16.45 2.65
C VAL D 34 -3.92 15.46 3.27
N TYR D 35 -2.63 15.62 2.94
CA TYR D 35 -1.55 14.75 3.41
C TYR D 35 -0.51 15.64 4.07
N PRO D 36 -0.79 16.15 5.28
CA PRO D 36 0.05 17.24 5.82
C PRO D 36 1.47 16.85 6.16
N TRP D 37 1.80 15.56 6.21
CA TRP D 37 3.19 15.19 6.40
C TRP D 37 4.05 15.58 5.21
N THR D 38 3.44 15.80 4.05
CA THR D 38 4.18 16.30 2.89
C THR D 38 4.70 17.70 3.10
N GLN D 39 4.23 18.43 4.11
CA GLN D 39 4.79 19.73 4.44
C GLN D 39 6.24 19.67 4.88
N ARG D 40 6.76 18.48 5.19
CA ARG D 40 8.10 18.31 5.75
C ARG D 40 9.18 18.92 4.85
N PHE D 41 8.92 19.02 3.54
CA PHE D 41 9.89 19.58 2.60
C PHE D 41 9.82 21.10 2.50
N PHE D 42 8.88 21.73 3.18
CA PHE D 42 8.54 23.12 2.90
C PHE D 42 8.54 23.98 4.16
N GLU D 43 9.36 23.61 5.14
CA GLU D 43 9.56 24.44 6.33
C GLU D 43 9.95 25.87 5.99
N SER D 44 10.62 26.09 4.87
CA SER D 44 11.06 27.43 4.51
C SER D 44 9.99 28.26 3.81
N PHE D 45 8.79 27.72 3.61
CA PHE D 45 7.77 28.38 2.80
C PHE D 45 6.85 29.31 3.59
N GLY D 46 7.05 29.48 4.89
CA GLY D 46 6.22 30.39 5.65
C GLY D 46 4.98 29.74 6.23
N ASP D 47 3.87 30.44 6.19
CA ASP D 47 2.68 30.06 6.94
C ASP D 47 1.95 28.90 6.25
N LEU D 48 1.88 27.75 6.95
CA LEU D 48 1.14 26.58 6.53
C LEU D 48 0.15 26.16 7.62
N SER D 49 -0.32 27.13 8.41
CA SER D 49 -0.99 26.81 9.69
C SER D 49 -2.43 26.36 9.51
N THR D 50 -3.06 26.73 8.41
CA THR D 50 -4.45 26.45 8.11
C THR D 50 -4.56 26.09 6.66
N PRO D 51 -5.62 25.38 6.24
CA PRO D 51 -5.82 25.14 4.81
C PRO D 51 -5.81 26.43 4.02
N ASP D 52 -6.49 27.48 4.49
CA ASP D 52 -6.49 28.73 3.75
C ASP D 52 -5.08 29.31 3.65
N ALA D 53 -4.29 29.16 4.71
CA ALA D 53 -2.92 29.69 4.67
C ALA D 53 -2.08 28.93 3.65
N VAL D 54 -2.21 27.61 3.63
CA VAL D 54 -1.50 26.78 2.67
C VAL D 54 -1.91 27.15 1.26
N MET D 55 -3.21 27.24 1.03
CA MET D 55 -3.68 27.45 -0.33
C MET D 55 -3.32 28.84 -0.84
N GLY D 56 -3.28 29.82 0.07
CA GLY D 56 -2.89 31.18 -0.22
C GLY D 56 -1.41 31.47 -0.20
N ASN D 57 -0.60 30.51 0.18
CA ASN D 57 0.80 30.74 0.38
C ASN D 57 1.47 30.96 -0.97
N PRO D 58 2.12 32.11 -1.20
CA PRO D 58 2.73 32.34 -2.51
C PRO D 58 3.86 31.37 -2.84
N LYS D 59 4.61 30.90 -1.84
CA LYS D 59 5.71 29.99 -2.12
C LYS D 59 5.19 28.61 -2.49
N VAL D 60 4.08 28.20 -1.89
CA VAL D 60 3.41 26.96 -2.28
C VAL D 60 2.92 27.06 -3.71
N LYS D 61 2.22 28.15 -4.03
CA LYS D 61 1.79 28.34 -5.41
C LYS D 61 2.96 28.30 -6.38
N ALA D 62 4.08 28.96 -6.02
CA ALA D 62 5.23 29.03 -6.93
C ALA D 62 5.82 27.66 -7.19
N HIS D 63 5.99 26.88 -6.13
CA HIS D 63 6.49 25.53 -6.35
C HIS D 63 5.50 24.70 -7.15
N GLY D 64 4.20 24.86 -6.89
CA GLY D 64 3.20 24.15 -7.68
C GLY D 64 3.27 24.47 -9.16
N LYS D 65 3.52 25.74 -9.48
CA LYS D 65 3.69 26.11 -10.89
C LYS D 65 4.89 25.40 -11.49
N LYS D 66 5.97 25.28 -10.74
CA LYS D 66 7.18 24.68 -11.26
C LYS D 66 7.00 23.19 -11.48
N VAL D 67 6.47 22.50 -10.45
CA VAL D 67 6.23 21.07 -10.53
C VAL D 67 5.29 20.74 -11.67
N LEU D 68 4.13 21.40 -11.71
CA LEU D 68 3.16 21.02 -12.73
C LEU D 68 3.57 21.47 -14.12
N GLY D 69 4.37 22.53 -14.23
CA GLY D 69 4.97 22.85 -15.51
C GLY D 69 5.84 21.73 -16.04
N ALA D 70 6.65 21.14 -15.17
CA ALA D 70 7.48 20.02 -15.60
C ALA D 70 6.60 18.83 -15.97
N PHE D 71 5.58 18.55 -15.16
CA PHE D 71 4.60 17.52 -15.49
C PHE D 71 4.03 17.78 -16.88
N SER D 72 3.55 19.01 -17.08
CA SER D 72 2.93 19.40 -18.34
C SER D 72 3.86 19.16 -19.52
N ASP D 73 5.09 19.70 -19.45
CA ASP D 73 6.05 19.48 -20.54
C ASP D 73 6.31 17.99 -20.75
N GLY D 74 6.24 17.18 -19.69
CA GLY D 74 6.44 15.76 -19.82
C GLY D 74 5.37 15.04 -20.60
N LEU D 75 4.18 15.65 -20.75
CA LEU D 75 3.09 15.00 -21.47
C LEU D 75 3.38 14.91 -22.96
N ALA D 76 4.40 15.61 -23.44
CA ALA D 76 4.88 15.48 -24.81
C ALA D 76 5.77 14.26 -25.01
N HIS D 77 6.05 13.50 -23.96
CA HIS D 77 7.00 12.40 -24.02
C HIS D 77 6.44 11.18 -23.29
N LEU D 78 5.15 10.93 -23.48
CA LEU D 78 4.49 9.81 -22.80
C LEU D 78 5.11 8.48 -23.19
N ASP D 79 5.81 8.42 -24.33
CA ASP D 79 6.47 7.19 -24.75
C ASP D 79 7.90 7.08 -24.26
N ASN D 80 8.36 8.02 -23.44
CA ASN D 80 9.72 8.03 -22.94
C ASN D 80 9.78 8.78 -21.61
N LEU D 81 8.88 8.43 -20.69
CA LEU D 81 8.83 9.12 -19.40
C LEU D 81 10.10 8.86 -18.60
N LYS D 82 10.59 7.62 -18.65
CA LYS D 82 11.76 7.28 -17.85
C LYS D 82 12.98 8.09 -18.28
N GLY D 83 13.22 8.19 -19.59
CA GLY D 83 14.37 8.97 -20.04
C GLY D 83 14.17 10.45 -19.79
N THR D 84 12.94 10.93 -19.94
CA THR D 84 12.60 12.32 -19.72
C THR D 84 12.91 12.76 -18.30
N PHE D 85 12.59 11.91 -17.31
CA PHE D 85 12.65 12.29 -15.91
C PHE D 85 13.80 11.64 -15.16
N ALA D 86 14.72 10.96 -15.86
CA ALA D 86 15.79 10.25 -15.18
C ALA D 86 16.59 11.18 -14.28
N THR D 87 17.08 12.30 -14.83
CA THR D 87 17.96 13.13 -14.01
C THR D 87 17.17 13.85 -12.92
N LEU D 88 15.90 14.14 -13.17
CA LEU D 88 15.05 14.68 -12.12
C LEU D 88 14.78 13.63 -11.05
N SER D 89 14.64 12.37 -11.45
CA SER D 89 14.58 11.29 -10.47
C SER D 89 15.82 11.29 -9.59
N GLU D 90 17.01 11.28 -10.21
CA GLU D 90 18.26 11.34 -9.46
C GLU D 90 18.29 12.55 -8.53
N LEU D 91 17.81 13.70 -9.01
CA LEU D 91 17.84 14.90 -8.17
C LEU D 91 16.97 14.70 -6.94
N HIS D 92 15.76 14.19 -7.14
CA HIS D 92 14.85 14.02 -6.03
C HIS D 92 15.38 13.00 -5.03
N CSD D 93 15.96 11.90 -5.50
CA CSD D 93 16.67 10.97 -4.61
CB CSD D 93 17.12 9.77 -5.44
SG CSD D 93 18.13 8.68 -4.46
C CSD D 93 17.85 11.56 -3.85
O CSD D 93 17.90 11.70 -2.62
OD1 CSD D 93 17.23 8.07 -3.55
OD2 CSD D 93 18.37 7.47 -5.60
H CSD D 93 15.72 11.45 -6.36
HA CSD D 93 16.00 10.64 -3.77
HB2 CSD D 93 17.68 10.12 -6.34
HB3 CSD D 93 16.22 9.22 -5.81
HD2 CSD D 93 19.17 6.95 -5.46
N ASP D 94 18.81 12.03 -4.63
CA ASP D 94 20.13 12.35 -4.10
C ASP D 94 20.18 13.64 -3.30
N LYS D 95 19.64 14.72 -3.87
N LYS D 95 19.65 14.73 -3.86
CA LYS D 95 19.74 16.04 -3.25
CA LYS D 95 19.74 16.01 -3.19
C LYS D 95 18.51 16.42 -2.43
C LYS D 95 18.50 16.34 -2.36
N LEU D 96 17.31 16.08 -2.91
CA LEU D 96 16.09 16.51 -2.23
C LEU D 96 15.53 15.49 -1.24
N HIS D 97 15.96 14.23 -1.30
CA HIS D 97 15.53 13.20 -0.35
C HIS D 97 14.01 13.06 -0.29
N VAL D 98 13.37 13.06 -1.45
CA VAL D 98 11.91 12.99 -1.55
C VAL D 98 11.49 11.54 -1.76
N ASP D 99 10.89 10.96 -0.74
CA ASP D 99 10.26 9.65 -0.83
C ASP D 99 9.32 9.59 -2.04
N PRO D 100 9.52 8.65 -2.97
CA PRO D 100 8.66 8.64 -4.17
C PRO D 100 7.16 8.44 -3.89
N GLU D 101 6.79 7.92 -2.72
CA GLU D 101 5.38 7.88 -2.38
C GLU D 101 4.75 9.25 -2.53
N ASN D 102 5.52 10.33 -2.32
CA ASN D 102 4.98 11.68 -2.50
C ASN D 102 4.47 11.89 -3.93
N PHE D 103 5.14 11.30 -4.92
CA PHE D 103 4.73 11.46 -6.31
C PHE D 103 3.37 10.81 -6.52
N ARG D 104 3.15 9.67 -5.85
CA ARG D 104 1.89 8.96 -5.99
C ARG D 104 0.77 9.72 -5.32
N LEU D 105 1.04 10.30 -4.15
CA LEU D 105 0.03 11.13 -3.50
C LEU D 105 -0.29 12.35 -4.34
N LEU D 106 0.71 13.00 -4.91
CA LEU D 106 0.43 14.16 -5.75
C LEU D 106 -0.37 13.76 -6.98
N GLY D 107 -0.07 12.59 -7.56
CA GLY D 107 -0.84 12.13 -8.70
C GLY D 107 -2.30 11.94 -8.36
N ASN D 108 -2.56 11.40 -7.18
CA ASN D 108 -3.95 11.21 -6.80
C ASN D 108 -4.64 12.53 -6.52
N VAL D 109 -3.93 13.51 -5.95
CA VAL D 109 -4.52 14.84 -5.75
C VAL D 109 -4.80 15.50 -7.09
N LEU D 110 -3.89 15.36 -8.05
CA LEU D 110 -4.11 15.95 -9.37
C LEU D 110 -5.38 15.38 -10.02
N VAL D 111 -5.58 14.07 -9.92
CA VAL D 111 -6.80 13.46 -10.44
C VAL D 111 -8.03 14.05 -9.76
N CYS D 112 -7.99 14.23 -8.42
CA CYS D 112 -9.12 14.88 -7.73
C CYS D 112 -9.31 16.33 -8.19
N VAL D 113 -8.21 17.07 -8.43
CA VAL D 113 -8.37 18.44 -8.91
C VAL D 113 -8.99 18.44 -10.30
N LEU D 114 -8.52 17.55 -11.19
CA LEU D 114 -9.10 17.50 -12.53
C LEU D 114 -10.58 17.15 -12.48
N ALA D 115 -10.95 16.22 -11.60
CA ALA D 115 -12.36 15.86 -11.45
C ALA D 115 -13.16 17.06 -10.95
N HIS D 116 -12.63 17.78 -9.96
CA HIS D 116 -13.35 18.94 -9.41
C HIS D 116 -13.47 20.03 -10.47
N HIS D 117 -12.40 20.29 -11.19
CA HIS D 117 -12.38 21.38 -12.15
C HIS D 117 -13.27 21.08 -13.37
N PHE D 118 -13.19 19.87 -13.90
CA PHE D 118 -13.88 19.55 -15.15
C PHE D 118 -15.23 18.89 -14.94
N GLY D 119 -15.54 18.46 -13.72
CA GLY D 119 -16.83 17.83 -13.47
C GLY D 119 -17.07 16.65 -14.37
N LYS D 120 -18.26 16.60 -14.95
CA LYS D 120 -18.68 15.43 -15.69
C LYS D 120 -17.81 15.15 -16.91
N GLU D 121 -17.09 16.15 -17.43
CA GLU D 121 -16.19 15.92 -18.56
C GLU D 121 -15.07 14.95 -18.17
N PHE D 122 -14.72 14.90 -16.89
CA PHE D 122 -13.70 13.98 -16.38
C PHE D 122 -14.33 12.59 -16.15
N THR D 123 -14.67 11.94 -17.27
CA THR D 123 -15.41 10.69 -17.24
C THR D 123 -14.57 9.53 -16.71
N PRO D 124 -15.20 8.40 -16.39
CA PRO D 124 -14.44 7.24 -15.93
C PRO D 124 -13.34 6.85 -16.90
N PRO D 125 -13.56 6.87 -18.23
CA PRO D 125 -12.43 6.52 -19.12
C PRO D 125 -11.36 7.59 -19.19
N VAL D 126 -11.75 8.87 -19.12
CA VAL D 126 -10.75 9.92 -19.05
C VAL D 126 -9.94 9.77 -17.76
N GLN D 127 -10.62 9.45 -16.66
CA GLN D 127 -9.89 9.18 -15.42
C GLN D 127 -8.89 8.05 -15.59
N ALA D 128 -9.32 6.93 -16.19
CA ALA D 128 -8.41 5.79 -16.33
C ALA D 128 -7.16 6.18 -17.11
N ALA D 129 -7.32 7.00 -18.15
CA ALA D 129 -6.18 7.47 -18.92
C ALA D 129 -5.24 8.30 -18.06
N TYR D 130 -5.79 9.21 -17.29
CA TYR D 130 -4.96 10.06 -16.44
C TYR D 130 -4.33 9.26 -15.31
N GLN D 131 -5.01 8.20 -14.84
CA GLN D 131 -4.39 7.34 -13.83
C GLN D 131 -3.15 6.67 -14.40
N LYS D 132 -3.22 6.21 -15.65
CA LYS D 132 -2.01 5.66 -16.26
C LYS D 132 -0.93 6.73 -16.35
N VAL D 133 -1.33 7.97 -16.65
CA VAL D 133 -0.33 9.03 -16.77
C VAL D 133 0.35 9.29 -15.43
N VAL D 134 -0.43 9.55 -14.37
CA VAL D 134 0.19 9.93 -13.10
C VAL D 134 0.98 8.75 -12.53
N ALA D 135 0.52 7.53 -12.75
CA ALA D 135 1.33 6.39 -12.32
C ALA D 135 2.65 6.33 -13.10
N GLY D 136 2.60 6.60 -14.40
CA GLY D 136 3.80 6.55 -15.22
C GLY D 136 4.81 7.63 -14.84
N VAL D 137 4.33 8.84 -14.58
CA VAL D 137 5.23 9.91 -14.15
C VAL D 137 5.82 9.57 -12.79
N ALA D 138 5.01 9.06 -11.87
CA ALA D 138 5.50 8.72 -10.54
C ALA D 138 6.54 7.62 -10.64
N ASN D 139 6.26 6.62 -11.48
N ASN D 139 6.28 6.63 -11.49
CA ASN D 139 7.22 5.54 -11.71
CA ASN D 139 7.23 5.54 -11.69
C ASN D 139 8.52 6.07 -12.29
C ASN D 139 8.53 6.05 -12.31
N ALA D 140 8.42 6.95 -13.29
CA ALA D 140 9.59 7.52 -13.93
C ALA D 140 10.43 8.32 -12.92
N LEU D 141 9.79 9.08 -12.05
CA LEU D 141 10.52 9.88 -11.06
C LEU D 141 11.09 9.01 -9.95
N ALA D 142 10.52 7.83 -9.73
CA ALA D 142 11.06 6.92 -8.74
C ALA D 142 12.13 5.99 -9.29
N HIS D 143 12.29 5.95 -10.61
CA HIS D 143 13.00 4.84 -11.21
C HIS D 143 14.49 4.85 -10.88
N LYS D 144 15.10 6.03 -10.75
CA LYS D 144 16.53 6.08 -10.45
C LYS D 144 16.85 5.95 -8.97
N TYR D 145 15.85 5.81 -8.10
CA TYR D 145 16.15 5.66 -6.69
C TYR D 145 16.88 4.37 -6.42
N HIS D 146 17.92 4.47 -5.58
CA HIS D 146 18.78 3.37 -5.16
C HIS D 146 19.38 3.71 -3.80
CHA HEM E . 13.17 8.28 15.34
CHB HEM E . 10.66 4.40 16.76
CHC HEM E . 9.27 3.54 12.17
CHD HEM E . 12.23 7.13 10.71
C1A HEM E . 12.63 7.29 16.13
C2A HEM E . 12.90 7.05 17.53
C3A HEM E . 12.21 5.99 17.89
C4A HEM E . 11.46 5.51 16.76
CMA HEM E . 12.18 5.35 19.30
CAA HEM E . 13.85 7.90 18.44
CBA HEM E . 13.01 9.07 18.94
CGA HEM E . 13.81 9.97 19.87
O1A HEM E . 13.23 10.42 20.89
O2A HEM E . 15.01 10.25 19.58
C1B HEM E . 10.09 3.80 15.65
C2B HEM E . 9.31 2.57 15.65
C3B HEM E . 8.89 2.35 14.40
C4B HEM E . 9.44 3.41 13.55
CMB HEM E . 8.98 1.75 16.91
CAB HEM E . 8.08 1.19 13.85
CBB HEM E . 8.12 -0.02 14.40
C1C HEM E . 9.99 4.40 11.36
C2C HEM E . 10.10 4.33 9.92
C3C HEM E . 10.91 5.33 9.50
C4C HEM E . 11.36 6.04 10.68
CMC HEM E . 9.35 3.30 9.06
CAC HEM E . 11.40 5.69 8.08
CBC HEM E . 11.53 4.80 7.09
C1D HEM E . 12.76 7.71 11.84
C2D HEM E . 13.71 8.81 11.83
C3D HEM E . 13.99 9.16 13.09
C4D HEM E . 13.21 8.28 13.96
CMD HEM E . 14.30 9.43 10.57
CAD HEM E . 14.99 10.26 13.51
CBD HEM E . 16.31 9.56 13.77
CGD HEM E . 17.43 10.49 14.16
O1D HEM E . 18.19 10.17 15.12
O2D HEM E . 17.60 11.54 13.50
NA HEM E . 11.73 6.32 15.68
NB HEM E . 10.16 4.27 14.35
NC HEM E . 10.79 5.44 11.78
ND HEM E . 12.48 7.42 13.15
FE HEM E . 10.96 6.13 13.75
HHB HEM E . 10.46 3.98 17.62
HHC HEM E . 8.59 2.98 11.74
HHD HEM E . 12.50 7.51 9.84
HMA HEM E . 11.38 4.78 19.39
HMAA HEM E . 12.15 6.06 19.98
HMAB HEM E . 12.98 4.80 19.44
HAA HEM E . 14.61 8.22 17.93
HAAA HEM E . 14.16 7.36 19.18
HBA HEM E . 12.25 8.72 19.43
HBAA HEM E . 12.71 9.58 18.19
HMB HEM E . 8.18 1.22 16.76
HMBA HEM E . 8.82 2.35 17.66
HMBB HEM E . 9.72 1.16 17.12
HAB HEM E . 7.51 1.33 13.09
HBB HEM E . 7.60 -0.74 14.03
HBBA HEM E . 8.70 -0.18 15.18
HMC HEM E . 9.38 3.58 8.13
HMCA HEM E . 8.44 3.24 9.35
HMCB HEM E . 9.78 2.43 9.15
HAC HEM E . 11.62 6.60 7.89
HBC HEM E . 11.85 5.09 6.22
HBCA HEM E . 11.32 3.87 7.25
HMD HEM E . 14.59 8.73 9.95
HMDA HEM E . 15.07 9.99 10.80
HMDB HEM E . 13.61 9.99 10.13
HAD HEM E . 14.68 10.71 14.30
HADA HEM E . 15.09 10.91 12.79
HBD HEM E . 16.57 9.09 12.96
HBDA HEM E . 16.17 8.92 14.49
HHA HEM E . 13.56 9.05 15.81
S SO4 F . 14.42 -20.08 19.52
O1 SO4 F . 13.70 -19.72 18.31
O2 SO4 F . 15.38 -19.03 19.87
O3 SO4 F . 13.41 -20.20 20.58
O4 SO4 F . 15.13 -21.34 19.29
S SO4 G . -4.90 -3.63 19.17
O1 SO4 G . -5.89 -2.55 19.15
O2 SO4 G . -4.78 -4.15 17.81
O3 SO4 G . -5.36 -4.69 20.08
O4 SO4 G . -3.57 -3.16 19.60
CHA HEM H . -2.77 -22.66 -9.75
CHB HEM H . 1.70 -20.75 -10.20
CHC HEM H . 0.62 -17.62 -6.66
CHD HEM H . -3.98 -19.25 -6.55
C1A HEM H . -1.45 -22.48 -10.12
C2A HEM H . -0.66 -23.42 -10.90
C3A HEM H . 0.56 -22.89 -11.04
C4A HEM H . 0.60 -21.62 -10.32
CMA HEM H . 1.76 -23.53 -11.78
CAA HEM H . -1.16 -24.78 -11.50
CBA HEM H . -1.80 -24.46 -12.85
CGA HEM H . -2.39 -25.67 -13.54
O1A HEM H . -3.50 -26.12 -13.16
O2A HEM H . -1.76 -26.18 -14.51
C1B HEM H . 1.84 -19.73 -9.29
C2B HEM H . 3.01 -18.92 -9.04
C3B HEM H . 2.71 -18.04 -8.07
C4B HEM H . 1.33 -18.28 -7.66
CMB HEM H . 4.32 -19.07 -9.80
CAB HEM H . 3.63 -16.99 -7.43
CBB HEM H . 4.96 -17.08 -7.52
C1C HEM H . -0.70 -17.85 -6.28
C2C HEM H . -1.36 -17.24 -5.15
C3C HEM H . -2.64 -17.67 -5.12
C4C HEM H . -2.82 -18.58 -6.23
CMC HEM H . -0.65 -16.29 -4.18
CAC HEM H . -3.77 -17.35 -4.11
CBC HEM H . -3.55 -16.91 -2.86
C1D HEM H . -4.02 -20.34 -7.38
C2D HEM H . -5.19 -21.18 -7.57
C3D HEM H . -4.87 -22.11 -8.46
C4D HEM H . -3.47 -21.91 -8.84
CMD HEM H . -6.54 -20.96 -6.86
CAD HEM H . -5.78 -23.27 -8.93
CBD HEM H . -5.82 -24.21 -7.71
CGD HEM H . -6.67 -25.43 -7.95
O1D HEM H . -6.24 -26.29 -8.74
O2D HEM H . -7.77 -25.56 -7.34
NA HEM H . -0.65 -21.41 -9.80
NB HEM H . 0.83 -19.29 -8.44
NC HEM H . -1.63 -18.66 -6.92
ND HEM H . -2.98 -20.81 -8.18
FE HEM H . -1.19 -19.84 -8.56
HHB HEM H . 2.44 -20.88 -10.83
HHC HEM H . 1.10 -16.93 -6.18
HHD HEM H . -4.82 -18.93 -6.16
HMA HEM H . 2.51 -22.91 -11.79
HMAA HEM H . 1.49 -23.74 -12.70
HMAB HEM H . 2.01 -24.37 -11.33
HAA HEM H . -1.81 -25.17 -10.90
HAAA HEM H . -0.41 -25.38 -11.62
HBA HEM H . -1.12 -24.08 -13.43
HBAA HEM H . -2.51 -23.81 -12.71
HMB HEM H . 4.76 -18.20 -9.85
HMBA HEM H . 4.14 -19.40 -10.69
HMBB HEM H . 4.89 -19.70 -9.33
HAB HEM H . 3.24 -16.26 -6.96
HBB HEM H . 5.52 -16.41 -7.11
HBBA HEM H . 5.37 -17.82 -8.00
HMC HEM H . -0.05 -16.79 -3.61
HMCA HEM H . -1.31 -15.84 -3.64
HMCB HEM H . -0.14 -15.64 -4.68
HAC HEM H . -4.68 -17.48 -4.39
HBC HEM H . -4.30 -16.72 -2.27
HBCA HEM H . -2.64 -16.78 -2.56
HMD HEM H . -7.15 -21.69 -7.09
HMDA HEM H . -6.93 -20.11 -7.14
HMDB HEM H . -6.41 -20.96 -5.89
HAD HEM H . -5.40 -23.73 -9.70
HADA HEM H . -6.67 -22.95 -9.15
HBD HEM H . -6.18 -23.72 -6.96
HBDA HEM H . -4.91 -24.49 -7.51
HHA HEM H . -3.25 -23.40 -10.17
C1 GOL I . 11.55 -8.56 -17.88
O1 GOL I . 10.31 -8.96 -18.29
C2 GOL I . 11.65 -9.00 -16.42
O2 GOL I . 12.82 -9.78 -16.19
C3 GOL I . 11.57 -7.68 -15.64
O3 GOL I . 11.26 -8.00 -14.31
H11 GOL I . 11.69 -7.61 -17.95
H12 GOL I . 12.27 -8.97 -18.40
HO1 GOL I . 10.42 -9.50 -18.95
H2 GOL I . 10.93 -9.59 -16.14
HO2 GOL I . 12.86 -9.90 -15.36
H31 GOL I . 10.91 -7.11 -16.06
H32 GOL I . 12.41 -7.21 -15.73
HO3 GOL I . 11.82 -8.58 -14.06
S SO4 J . 11.64 -24.52 8.62
O1 SO4 J . 11.34 -23.61 7.50
O2 SO4 J . 11.21 -24.05 9.94
O3 SO4 J . 10.96 -25.80 8.38
O4 SO4 J . 13.07 -24.75 8.69
S SO4 K . 27.86 -20.47 5.06
O1 SO4 K . 27.12 -19.96 3.89
O2 SO4 K . 28.54 -19.33 5.68
O3 SO4 K . 26.94 -21.06 6.04
O4 SO4 K . 28.82 -21.49 4.64
S SO4 L . 16.70 -15.66 -20.23
O1 SO4 L . 15.29 -15.62 -20.61
O2 SO4 L . 16.91 -14.81 -19.05
O3 SO4 L . 17.07 -17.04 -19.97
O4 SO4 L . 17.55 -15.19 -21.34
CHA HEM M . -20.80 -6.36 -1.19
CHB HEM M . -20.16 -2.15 1.02
CHC HEM M . -15.54 -2.10 -0.49
CHD HEM M . -16.35 -6.09 -3.09
C1A HEM M . -21.07 -5.26 -0.45
C2A HEM M . -22.35 -4.85 0.10
C3A HEM M . -22.16 -3.65 0.71
C4A HEM M . -20.77 -3.28 0.54
CMA HEM M . -23.21 -2.80 1.47
CAA HEM M . -23.69 -5.63 0.01
CBA HEM M . -23.83 -6.58 1.20
CGA HEM M . -25.08 -7.44 1.09
O1A HEM M . -25.78 -7.43 0.04
O2A HEM M . -25.38 -8.17 2.06
C1B HEM M . -18.87 -1.75 0.78
C2B HEM M . -18.29 -0.51 1.21
C3B HEM M . -17.00 -0.51 0.82
C4B HEM M . -16.73 -1.72 0.08
CMB HEM M . -19.01 0.58 2.03
CAB HEM M . -15.92 0.58 1.02
CBB HEM M . -16.30 1.87 1.12
C1C HEM M . -15.37 -3.16 -1.38
C2C HEM M . -14.24 -3.37 -2.25
C3C HEM M . -14.46 -4.48 -2.97
C4C HEM M . -15.77 -4.98 -2.58
CMC HEM M . -13.00 -2.46 -2.27
CAC HEM M . -13.59 -5.14 -4.04
CBC HEM M . -12.76 -4.42 -4.81
C1D HEM M . -17.62 -6.50 -2.82
C2D HEM M . -18.32 -7.60 -3.44
C3D HEM M . -19.53 -7.68 -2.89
C4D HEM M . -19.67 -6.60 -1.95
CMD HEM M . -17.75 -8.57 -4.50
CAD HEM M . -20.64 -8.69 -3.28
CBD HEM M . -21.35 -8.09 -4.49
CGD HEM M . -22.53 -8.98 -4.84
O1D HEM M . -23.30 -8.58 -5.72
O2D HEM M . -22.68 -10.07 -4.24
NA HEM M . -20.12 -4.28 -0.18
NB HEM M . -17.89 -2.43 0.07
NC HEM M . -16.29 -4.16 -1.62
ND HEM M . -18.47 -5.91 -1.91
FE HEM M . -18.06 -4.42 -0.55
HHB HEM M . -20.71 -1.57 1.59
HHC HEM M . -14.74 -1.57 -0.27
HHD HEM M . -15.81 -6.66 -3.69
HMA HEM M . -22.75 -2.20 2.10
HMAA HEM M . -23.82 -3.38 1.96
HMAB HEM M . -23.72 -2.26 0.83
HAA HEM M . -23.71 -6.14 -0.81
HAAA HEM M . -24.43 -5.00 0.01
HBA HEM M . -23.89 -6.06 2.02
HBAA HEM M . -23.06 -7.15 1.24
HMB HEM M . -18.37 1.05 2.59
HMBA HEM M . -19.68 0.16 2.59
HMBB HEM M . -19.43 1.21 1.43
HAB HEM M . -14.99 0.35 1.08
HBB HEM M . -15.63 2.56 1.24
HBBA HEM M . -17.24 2.10 1.06
HMC HEM M . -12.26 -2.93 -2.66
HMCA HEM M . -12.78 -2.20 -1.36
HMCB HEM M . -13.20 -1.67 -2.78
HAC HEM M . -13.63 -6.09 -4.17
HBC HEM M . -12.22 -4.86 -5.49
HBCA HEM M . -12.71 -3.46 -4.69
HMD HEM M . -17.32 -8.04 -5.21
HMDA HEM M . -18.47 -9.11 -4.87
HMDB HEM M . -17.08 -9.14 -4.07
HAD HEM M . -21.26 -8.81 -2.55
HADA HEM M . -20.25 -9.55 -3.52
HBD HEM M . -20.74 -8.03 -5.23
HBDA HEM M . -21.67 -7.19 -4.25
HHA HEM M . -21.49 -7.06 -1.18
C1 GOL N . -17.57 16.71 20.17
O1 GOL N . -16.19 16.92 20.37
C2 GOL N . -18.23 18.10 20.00
O2 GOL N . -17.54 18.88 19.08
C3 GOL N . -19.67 17.77 19.59
O3 GOL N . -20.42 18.97 19.46
H11 GOL N . -17.99 16.25 20.93
H12 GOL N . -17.75 16.16 19.40
HO1 GOL N . -15.79 16.19 20.18
H2 GOL N . -18.20 18.63 20.81
HO2 GOL N . -16.70 18.81 19.25
H31 GOL N . -20.03 17.18 20.26
H32 GOL N . -19.64 17.25 18.78
HO3 GOL N . -19.87 19.60 19.26
C1 GOL O . -22.09 16.58 -12.21
O1 GOL O . -22.65 15.89 -13.29
C2 GOL O . -22.98 17.80 -11.86
O2 GOL O . -22.27 18.81 -11.13
C3 GOL O . -24.15 17.09 -11.16
O3 GOL O . -23.65 16.69 -9.92
H11 GOL O . -21.20 16.89 -12.39
H12 GOL O . -22.02 16.01 -11.42
HO1 GOL O . -23.13 15.26 -12.97
H2 GOL O . -23.30 18.32 -12.62
HO2 GOL O . -22.03 18.50 -10.39
H31 GOL O . -24.46 16.37 -11.71
H32 GOL O . -24.89 17.71 -11.09
HO3 GOL O . -24.20 16.09 -9.63
C1 GOL P . -19.12 18.50 14.95
O1 GOL P . -19.06 19.94 15.28
C2 GOL P . -19.29 17.68 16.28
O2 GOL P . -18.61 16.45 16.20
C3 GOL P . -20.82 17.56 16.51
O3 GOL P . -21.07 16.51 17.43
H11 GOL P . -18.31 18.20 14.50
H12 GOL P . -19.85 18.29 14.36
HO1 GOL P . -18.69 20.32 14.62
H2 GOL P . -18.89 18.13 17.04
HO2 GOL P . -18.86 15.98 16.85
H31 GOL P . -21.25 17.40 15.65
H32 GOL P . -21.16 18.42 16.81
HO3 GOL P . -21.72 16.74 17.92
C1 XQU Q . -9.25 15.14 16.66
C2 XQU Q . -8.94 16.63 16.85
C3 XQU Q . -7.45 18.38 17.94
C4 XQU Q . -6.01 18.70 17.60
C5 XQU Q . -7.70 18.53 19.46
C6 XQU Q . -9.18 18.21 19.71
C10 XQU Q . -10.91 16.74 20.50
C11 XQU Q . -9.55 17.02 20.30
C7 XQU Q . -10.15 19.12 19.31
C8 XQU Q . -11.49 18.83 19.52
C9 XQU Q . -11.88 17.64 20.12
N2 XQU Q . -7.80 16.98 17.67
O2 XQU Q . -9.59 17.49 16.36
O4 XQU Q . -5.86 18.47 16.22
O5 XQU Q . -6.89 17.60 20.11
N9 XQU Q . -13.28 17.33 20.33
O9B XQU Q . -14.25 18.23 19.89
CL1 XQU Q . -10.81 14.67 17.36
CL2 XQU Q . -9.08 14.64 14.99
H11 XQU Q . -8.57 14.66 17.17
H31 XQU Q . -7.98 19.00 17.41
H41 XQU Q . -5.41 18.11 18.09
H42 XQU Q . -5.81 19.63 17.81
H51 XQU Q . -7.51 19.42 19.79
H101 XQU Q . -11.15 15.94 20.89
H111 XQU Q . -8.91 16.41 20.56
H71 XQU Q . -9.90 19.90 18.90
H81 XQU Q . -12.13 19.45 19.26
H21 XQU Q . -7.32 16.35 18.02
H43 XQU Q . -5.04 18.33 16.05
H52 XQU Q . -6.72 17.87 20.91
H91 XQU Q . -13.51 16.60 20.72
H9B1 XQU Q . -14.95 18.15 20.37
S SO4 R . -12.31 7.37 13.71
O1 SO4 R . -13.54 6.72 13.25
O2 SO4 R . -12.69 8.69 14.24
O3 SO4 R . -11.63 6.60 14.75
O4 SO4 R . -11.38 7.48 12.58
S SO4 S . -4.23 -6.27 10.71
O1 SO4 S . -5.01 -7.29 9.95
O2 SO4 S . -4.79 -4.93 10.51
O3 SO4 S . -4.25 -6.62 12.12
O4 SO4 S . -2.85 -6.21 10.26
S SO4 T . -25.91 -9.77 -7.66
O1 SO4 T . -27.32 -9.53 -7.42
O2 SO4 T . -25.25 -8.50 -7.94
O3 SO4 T . -25.30 -10.37 -6.46
O4 SO4 T . -25.74 -10.69 -8.79
CHA HEM U . 12.11 20.62 -7.09
CHB HEM U . 9.47 18.49 -10.57
CHC HEM U . 6.86 16.19 -7.23
CHD HEM U . 9.54 18.17 -3.76
C1A HEM U . 11.60 20.28 -8.34
C2A HEM U . 11.99 20.87 -9.62
C3A HEM U . 11.27 20.27 -10.57
C4A HEM U . 10.39 19.30 -9.93
CMA HEM U . 11.33 20.54 -12.08
CAA HEM U . 13.08 21.94 -9.83
CBA HEM U . 14.43 21.27 -9.91
CGA HEM U . 15.57 22.25 -10.17
O1A HEM U . 16.51 22.34 -9.32
O2A HEM U . 15.53 22.94 -11.21
C1B HEM U . 8.53 17.65 -10.01
C2B HEM U . 7.55 16.82 -10.68
C3B HEM U . 6.83 16.19 -9.73
C4B HEM U . 7.34 16.60 -8.44
CMB HEM U . 7.36 16.72 -12.21
CAB HEM U . 5.65 15.21 -9.88
CBB HEM U . 4.80 15.29 -10.89
C1C HEM U . 7.29 16.57 -5.97
C2C HEM U . 6.65 16.29 -4.70
C3C HEM U . 7.42 16.83 -3.73
C4C HEM U . 8.54 17.47 -4.38
CMC HEM U . 5.35 15.48 -4.56
CAC HEM U . 7.25 16.85 -2.19
CBC HEM U . 6.08 16.69 -1.58
C1D HEM U . 10.42 19.04 -4.36
C2D HEM U . 11.32 19.95 -3.65
C3D HEM U . 12.04 20.63 -4.56
C4D HEM U . 11.61 20.19 -5.87
CMD HEM U . 11.39 20.07 -2.12
CAD HEM U . 13.10 21.74 -4.28
CBD HEM U . 12.41 23.08 -4.51
CGD HEM U . 13.29 24.30 -4.27
O1D HEM U . 14.52 24.17 -4.04
O2D HEM U . 12.74 25.42 -4.31
NA HEM U . 10.64 19.34 -8.57
NB HEM U . 8.36 17.45 -8.65
NC HEM U . 8.42 17.32 -5.72
ND HEM U . 10.63 19.21 -5.71
FE HEM U . 9.73 18.05 -7.19
HHB HEM U . 9.48 18.52 -11.54
HHC HEM U . 6.13 15.53 -7.25
HHD HEM U . 9.65 18.03 -2.79
HMA HEM U . 10.76 19.89 -12.55
HMAA HEM U . 12.25 20.46 -12.40
HMAB HEM U . 10.99 21.45 -12.26
HAA HEM U . 13.06 22.56 -9.09
HAAA HEM U . 12.90 22.42 -10.66
HBA HEM U . 14.42 20.62 -10.64
HBAA HEM U . 14.61 20.81 -9.07
HMB HEM U . 6.92 15.88 -12.43
HMBA HEM U . 8.23 16.74 -12.65
HMBB HEM U . 6.82 17.46 -12.53
HAB HEM U . 5.54 14.51 -9.23
HBB HEM U . 4.06 14.67 -10.97
HBBA HEM U . 4.91 16.00 -11.55
HMC HEM U . 4.62 15.97 -4.97
HMCA HEM U . 5.16 15.33 -3.63
HMCB HEM U . 5.45 14.63 -5.01
HAC HEM U . 8.04 16.98 -1.66
HBC HEM U . 6.02 16.70 -0.61
HBCA HEM U . 5.27 16.55 -2.11
HMD HEM U . 10.50 20.27 -1.76
HMDA HEM U . 12.01 20.79 -1.87
HMDB HEM U . 11.71 19.22 -1.74
HAD HEM U . 13.85 21.65 -4.89
HADA HEM U . 13.42 21.69 -3.37
HBD HEM U . 11.65 23.14 -3.92
HBDA HEM U . 12.10 23.11 -5.43
HHA HEM U . 12.88 21.22 -7.06
#